data_7EVY
#
_entry.id   7EVY
#
_cell.length_a   1.00
_cell.length_b   1.00
_cell.length_c   1.00
_cell.angle_alpha   90.00
_cell.angle_beta   90.00
_cell.angle_gamma   90.00
#
_symmetry.space_group_name_H-M   'P 1'
#
loop_
_entity.id
_entity.type
_entity.pdbx_description
1 polymer 'Guanine nucleotide-binding protein G(i) subunit alpha-1'
2 polymer 'Guanine nucleotide-binding protein G(I)/G(S)/G(T) subunit beta-1'
3 polymer 'Guanine nucleotide-binding protein G(I)/G(S)/G(O) subunit gamma-2'
4 polymer 'Sphingosine 1-phosphate receptor 1'
5 polymer scFv16
6 non-polymer '1-[[4-[(~{E})-~{N}-[[4-cyclohexyl-3-(trifluoromethyl)phenyl]methoxy]-~{C}-methyl-carbonimidoyl]-2-ethyl-phenyl]methyl]azetidine-3-carboxylic acid'
7 non-polymer 2-acetamido-2-deoxy-beta-D-glucopyranose
#
loop_
_entity_poly.entity_id
_entity_poly.type
_entity_poly.pdbx_seq_one_letter_code
_entity_poly.pdbx_strand_id
1 'polypeptide(L)'
;MGCTLSAEDKAAVERSKMIDRNLREDGEKAAREVKLLLLGAGESGKSTIVKQMKIIHEAGYSEEECKQYKAVVYSNTIQS
IIAIIRAMGRLKIDFGDSARADDARQLFVLAGAAEEGFMTAELAGVIKRLWKDSGVQACFNRSREYQLNDSAAYYLNDLD
RIAQPNYIPTQQDVLRTRVKTTGIVETHFTFKDLHFKMFDVGGQRSERKKWIHCFEGVTAIIFCVALSDYDLVLAEDEEM
NRMHESMKLFDSICNNKWFTDTSIILFLNKKDLFEEKIKKSPLTICYPEYAGSNTYEEAAAYIQCQFEDLNKRKDTKEIY
THFTCATDTKNVQFVFDAVTDVIIKNNLKDCGLF
;
A
2 'polypeptide(L)'
;MHHHHLEVLFQGPGSSGSELDQLRQEAEQLKNQIRDARKACADATLSQITNNIDPVGRIQMRTRRTLRGHLAKIYAMHWG
TDSRLLVSASQDGKLIIWDSYTTNKVHAIPLRSSWVMTCAYAPSGNYVACGGLDNICSIYNLKTREGNVRVSRELAGHTG
YLSCCRFLDDNQIVTSSGDTTCALWDIETGQQTTTFTGHTGDVMSLSLAPDTRLFVSGACDASAKLWDVREGMCRQTFTG
HESDINAICFFPNGNAFATGSDDATCRLFDLRADQELMTYSHDNIICGITSVSFSKSGRLLLAGYDDFNCNVWDALKADR
AGVLAGHDNRVSCLGVTDDGMAVATGSWDSFLKIWN
;
B
3 'polypeptide(L)' MASNNTASIAQARKLVEQLKMEANIDRIKVSKAAADLMAYCEAHAKEDPLLTPVPASENPFREKKFFCAIL C
4 'polypeptide(L)'
;MKTIIALSYIFCLVFADYKDDDDANIFEMLRIDEGLRLKIYKNTEGYYTIGIGHLLTKSPSLNAAKSELDKAIGRNTNGV
ITKDEAEKLFNQDVDAAVRGILRNAKLKPVYDSLDAVRRAALINMVFQMGETGVAGFTNSLRMLQQKRWDEAAVNLAKSR
WYNQTPNRAKRVITTFRTGTWDAYMGPTSVPLVKAHRSSVSDYVNYDIIVRHYNYTGKLNISADKENSIKLTSVVFILIC
CFIILENIFVLLTIWKTKKFHRPMYYFIGNLALSDLLAGVAYTANLLLSGATTYKLTPAQWFLREGSMFVALSASVFSLL
AIAIERYITMLKMKLHNGSNNFRLFLLISACWVISLILGGLPIMGWNCISALSSCSTVLPLYHKHYILFCTTVFTLLLLS
IVILYCRIYSLVRTRSRRLTFRKNISKASRSSEKSLALLKTVIIVLSVFIACWAPLFILLLLDVGCKVKTCDILFRAEYF
LVLAVLNSGTNPIIYTLTNKEMRRAFIRIMSCCKCPSGDSAHHHHHHHHHH
;
D
5 'polypeptide(L)'
;DVQLVESGGGLVQPGGSRKLSCSASGFAFSSFGMHWVRQAPEKGLEWVAYISSGSGTIYYADTVKGRFTISRDDPKNTLF
LQMTSLRSEDTAMYYCVRSIYYYGSSPFDFWGQGTTLTVSSGGGGSGGGGSGGGGSDIVMTQATSSVPVTPGESVSISCR
SSKSLLHSNGNTYLYWFLQRPGQSPQLLIYRMSNLASGVPDRFSGSGSGTAFTLTISRLEAEDVGVYYCMQHLEYPLTFG
AGTKLELKAAAENLYFQGHHHHHHHH
;
E
#
loop_
_chem_comp.id
_chem_comp.type
_chem_comp.name
_chem_comp.formula
J8C non-polymer '1-[[4-[(~{E})-~{N}-[[4-cyclohexyl-3-(trifluoromethyl)phenyl]methoxy]-~{C}-methyl-carbonimidoyl]-2-ethyl-phenyl]methyl]azetidine-3-carboxylic acid' 'C29 H35 F3 N2 O3'
NAG D-saccharide, beta linking 2-acetamido-2-deoxy-beta-D-glucopyranose 'C8 H15 N O6'
#
# COMPACT_ATOMS: atom_id res chain seq x y z
N CYS A 3 -26.71 8.07 7.34
CA CYS A 3 -26.86 6.62 7.18
C CYS A 3 -27.39 5.98 8.47
N THR A 4 -27.33 4.65 8.53
CA THR A 4 -27.82 3.92 9.70
C THR A 4 -26.80 3.88 10.83
N LEU A 5 -25.69 4.59 10.72
CA LEU A 5 -24.68 4.57 11.77
C LEU A 5 -25.19 5.27 13.02
N SER A 6 -24.63 4.89 14.16
CA SER A 6 -25.02 5.46 15.44
C SER A 6 -24.32 6.82 15.62
N ALA A 7 -24.39 7.37 16.84
CA ALA A 7 -23.81 8.69 17.09
C ALA A 7 -22.29 8.64 17.07
N GLU A 8 -21.69 7.85 17.96
CA GLU A 8 -20.25 7.77 18.05
C GLU A 8 -19.63 6.87 17.00
N ASP A 9 -20.44 6.24 16.14
CA ASP A 9 -19.90 5.48 15.02
C ASP A 9 -19.49 6.41 13.88
N LYS A 10 -20.23 7.50 13.67
CA LYS A 10 -19.85 8.46 12.64
C LYS A 10 -18.59 9.23 13.04
N ALA A 11 -18.35 9.39 14.35
CA ALA A 11 -17.12 10.03 14.81
C ALA A 11 -15.91 9.16 14.53
N ALA A 12 -16.09 7.83 14.51
CA ALA A 12 -14.98 6.94 14.17
C ALA A 12 -14.65 6.99 12.69
N VAL A 13 -15.66 7.25 11.84
CA VAL A 13 -15.40 7.36 10.41
C VAL A 13 -14.66 8.66 10.11
N GLU A 14 -14.92 9.71 10.89
CA GLU A 14 -14.20 10.96 10.71
C GLU A 14 -12.73 10.81 11.07
N ARG A 15 -12.42 9.94 12.04
CA ARG A 15 -11.03 9.71 12.40
C ARG A 15 -10.28 8.98 11.29
N SER A 16 -10.94 8.00 10.66
CA SER A 16 -10.30 7.27 9.57
C SER A 16 -9.99 8.19 8.40
N LYS A 17 -10.85 9.18 8.15
CA LYS A 17 -10.60 10.12 7.07
C LYS A 17 -9.36 10.97 7.35
N MET A 18 -9.19 11.42 8.59
CA MET A 18 -7.99 12.19 8.93
C MET A 18 -6.74 11.30 8.90
N ILE A 19 -6.88 10.04 9.30
CA ILE A 19 -5.74 9.12 9.21
C ILE A 19 -5.32 8.94 7.76
N ASP A 20 -6.30 8.73 6.87
CA ASP A 20 -5.98 8.57 5.46
C ASP A 20 -5.39 9.85 4.86
N ARG A 21 -5.88 11.01 5.32
CA ARG A 21 -5.32 12.28 4.85
C ARG A 21 -3.87 12.43 5.27
N ASN A 22 -3.56 12.09 6.53
CA ASN A 22 -2.18 12.18 6.99
C ASN A 22 -1.29 11.16 6.29
N LEU A 23 -1.85 10.00 5.93
CA LEU A 23 -1.09 9.02 5.17
C LEU A 23 -0.78 9.52 3.77
N ARG A 24 -1.77 10.12 3.11
CA ARG A 24 -1.57 10.61 1.75
C ARG A 24 -0.62 11.82 1.73
N GLU A 25 -0.70 12.68 2.75
CA GLU A 25 0.18 13.84 2.80
C GLU A 25 1.63 13.43 2.98
N ASP A 26 1.89 12.44 3.84
CA ASP A 26 3.25 11.96 4.03
C ASP A 26 3.72 11.11 2.86
N GLY A 27 2.78 10.52 2.11
CA GLY A 27 3.15 9.71 0.96
C GLY A 27 3.64 10.49 -0.23
N GLU A 28 3.22 11.74 -0.36
CA GLU A 28 3.67 12.59 -1.46
C GLU A 28 4.90 13.41 -1.10
N LYS A 29 5.34 13.38 0.16
CA LYS A 29 6.57 14.06 0.56
C LYS A 29 7.80 13.16 0.42
N ALA A 30 7.67 11.89 0.77
CA ALA A 30 8.77 10.94 0.63
C ALA A 30 8.86 10.33 -0.76
N ALA A 31 7.96 10.71 -1.67
CA ALA A 31 7.98 10.22 -3.04
C ALA A 31 8.64 11.19 -4.00
N ARG A 32 9.06 12.36 -3.52
CA ARG A 32 9.73 13.36 -4.36
C ARG A 32 11.21 13.48 -4.05
N GLU A 33 11.79 12.51 -3.35
CA GLU A 33 13.22 12.51 -3.04
C GLU A 33 13.86 11.27 -3.64
N VAL A 34 15.11 11.41 -4.03
CA VAL A 34 15.85 10.34 -4.69
C VAL A 34 16.42 9.40 -3.64
N LYS A 35 16.30 8.10 -3.88
CA LYS A 35 16.86 7.07 -3.04
C LYS A 35 17.86 6.25 -3.85
N LEU A 36 19.02 5.95 -3.26
CA LEU A 36 20.04 5.22 -3.99
C LEU A 36 20.80 4.29 -3.03
N LEU A 37 21.19 3.15 -3.55
CA LEU A 37 21.92 2.14 -2.79
C LEU A 37 23.42 2.35 -2.96
N LEU A 38 24.20 1.81 -2.02
CA LEU A 38 25.65 1.87 -2.08
C LEU A 38 26.21 0.47 -1.90
N LEU A 39 27.11 0.06 -2.78
CA LEU A 39 27.70 -1.27 -2.74
C LEU A 39 29.20 -1.19 -2.99
N GLY A 40 29.90 -2.23 -2.55
CA GLY A 40 31.33 -2.31 -2.73
C GLY A 40 31.90 -3.41 -1.85
N ALA A 41 33.20 -3.60 -1.99
CA ALA A 41 33.91 -4.58 -1.19
C ALA A 41 34.24 -4.00 0.19
N GLY A 42 35.10 -4.68 0.92
CA GLY A 42 35.40 -4.26 2.28
C GLY A 42 36.09 -2.91 2.35
N GLU A 43 37.20 -2.76 1.62
CA GLU A 43 38.00 -1.53 1.65
C GLU A 43 38.04 -0.84 0.29
N SER A 44 36.90 -0.72 -0.37
CA SER A 44 36.80 -0.02 -1.65
C SER A 44 36.60 1.48 -1.49
N GLY A 45 36.95 2.04 -0.33
CA GLY A 45 36.78 3.46 -0.12
C GLY A 45 35.34 3.90 0.06
N LYS A 46 34.45 2.99 0.49
CA LYS A 46 33.07 3.38 0.74
C LYS A 46 32.99 4.39 1.87
N SER A 47 33.75 4.18 2.95
CA SER A 47 33.82 5.16 4.02
C SER A 47 34.40 6.47 3.51
N THR A 48 35.44 6.40 2.68
CA THR A 48 36.02 7.61 2.10
C THR A 48 35.00 8.34 1.23
N ILE A 49 34.18 7.58 0.49
CA ILE A 49 33.18 8.21 -0.37
C ILE A 49 32.10 8.89 0.46
N VAL A 50 31.58 8.20 1.48
CA VAL A 50 30.49 8.77 2.26
C VAL A 50 30.99 9.94 3.10
N LYS A 51 32.26 9.92 3.50
CA LYS A 51 32.81 11.05 4.24
C LYS A 51 33.08 12.23 3.31
N GLN A 52 33.52 11.95 2.08
CA GLN A 52 33.81 13.02 1.13
C GLN A 52 32.55 13.76 0.72
N MET A 53 31.53 13.02 0.27
CA MET A 53 30.29 13.63 -0.16
C MET A 53 29.59 14.30 1.01
N LYS A 54 28.66 15.20 0.70
CA LYS A 54 27.97 15.97 1.72
C LYS A 54 27.16 15.05 2.63
N ILE A 55 27.27 15.27 3.94
CA ILE A 55 26.61 14.47 4.95
C ILE A 55 25.96 15.39 5.98
N ILE A 56 24.70 15.12 6.30
CA ILE A 56 24.00 15.82 7.37
C ILE A 56 23.50 14.86 8.43
N HIS A 57 23.18 13.63 8.06
CA HIS A 57 22.62 12.66 8.99
C HIS A 57 23.71 12.11 9.91
N THR A 182 26.30 -1.56 12.47
CA THR A 182 25.28 -2.53 12.82
C THR A 182 24.00 -2.30 12.02
N GLY A 183 23.69 -3.22 11.12
CA GLY A 183 22.51 -3.09 10.31
C GLY A 183 22.65 -2.06 9.21
N ILE A 184 21.51 -1.72 8.62
CA ILE A 184 21.49 -0.74 7.53
C ILE A 184 21.77 0.65 8.09
N VAL A 185 22.48 1.46 7.30
CA VAL A 185 22.80 2.83 7.67
C VAL A 185 22.32 3.74 6.54
N GLU A 186 21.54 4.76 6.90
CA GLU A 186 20.97 5.70 5.95
C GLU A 186 21.64 7.06 6.11
N THR A 187 22.03 7.66 5.00
CA THR A 187 22.64 8.99 5.00
C THR A 187 21.80 9.91 4.11
N HIS A 188 21.30 11.00 4.69
CA HIS A 188 20.46 11.95 3.97
C HIS A 188 21.23 13.23 3.74
N PHE A 189 21.17 13.75 2.52
CA PHE A 189 21.77 15.04 2.21
C PHE A 189 20.97 15.71 1.11
N THR A 190 21.38 16.93 0.76
CA THR A 190 20.67 17.72 -0.23
C THR A 190 21.67 18.44 -1.14
N PHE A 191 21.25 18.67 -2.38
CA PHE A 191 22.09 19.35 -3.35
C PHE A 191 21.22 19.83 -4.50
N LYS A 192 21.24 21.14 -4.75
CA LYS A 192 20.51 21.75 -5.87
C LYS A 192 19.02 21.43 -5.79
N ASP A 193 18.44 21.65 -4.60
CA ASP A 193 17.01 21.46 -4.37
C ASP A 193 16.58 20.03 -4.65
N LEU A 194 17.45 19.07 -4.32
CA LEU A 194 17.13 17.65 -4.42
C LEU A 194 17.62 16.94 -3.17
N HIS A 195 16.77 16.08 -2.62
CA HIS A 195 17.06 15.35 -1.40
C HIS A 195 17.48 13.92 -1.76
N PHE A 196 18.72 13.56 -1.43
CA PHE A 196 19.27 12.25 -1.71
C PHE A 196 19.37 11.45 -0.42
N LYS A 197 18.83 10.23 -0.46
CA LYS A 197 19.02 9.24 0.60
C LYS A 197 19.93 8.14 0.08
N MET A 198 20.89 7.75 0.89
CA MET A 198 21.90 6.75 0.52
C MET A 198 21.85 5.61 1.52
N PHE A 199 21.55 4.41 1.03
CA PHE A 199 21.46 3.22 1.86
C PHE A 199 22.74 2.41 1.74
N ASP A 200 23.45 2.27 2.84
CA ASP A 200 24.73 1.56 2.89
C ASP A 200 24.51 0.22 3.60
N VAL A 201 24.25 -0.82 2.81
CA VAL A 201 24.06 -2.17 3.36
C VAL A 201 25.44 -2.81 3.38
N GLY A 202 26.19 -2.54 4.44
CA GLY A 202 27.52 -3.07 4.59
C GLY A 202 27.67 -3.93 5.83
N GLY A 203 26.84 -3.67 6.84
CA GLY A 203 26.86 -4.43 8.07
C GLY A 203 26.00 -5.66 8.08
N GLN A 204 25.35 -5.98 6.96
CA GLN A 204 24.48 -7.16 6.87
C GLN A 204 25.33 -8.35 6.43
N ARG A 205 25.66 -9.21 7.38
CA ARG A 205 26.44 -10.41 7.10
C ARG A 205 25.57 -11.59 6.66
N SER A 206 24.26 -11.43 6.62
CA SER A 206 23.37 -12.50 6.22
C SER A 206 23.43 -12.70 4.70
N GLU A 207 22.66 -13.68 4.22
CA GLU A 207 22.64 -13.98 2.79
C GLU A 207 21.97 -12.84 2.03
N ARG A 208 22.64 -12.35 0.99
CA ARG A 208 22.14 -11.22 0.21
C ARG A 208 20.91 -11.56 -0.62
N LYS A 209 20.65 -12.85 -0.85
CA LYS A 209 19.53 -13.23 -1.70
C LYS A 209 18.18 -12.93 -1.05
N LYS A 210 18.11 -12.99 0.28
CA LYS A 210 16.81 -12.92 0.95
C LYS A 210 16.31 -11.49 1.08
N TRP A 211 17.20 -10.54 1.39
CA TRP A 211 16.78 -9.17 1.69
C TRP A 211 17.10 -8.20 0.56
N ILE A 212 17.35 -8.69 -0.64
CA ILE A 212 17.66 -7.79 -1.75
C ILE A 212 16.40 -7.28 -2.44
N HIS A 213 15.34 -8.08 -2.48
CA HIS A 213 14.10 -7.65 -3.13
C HIS A 213 13.44 -6.47 -2.42
N CYS A 214 13.89 -6.13 -1.21
CA CYS A 214 13.42 -4.93 -0.54
C CYS A 214 13.93 -3.65 -1.21
N PHE A 215 14.95 -3.75 -2.05
CA PHE A 215 15.51 -2.60 -2.76
C PHE A 215 15.14 -2.58 -4.23
N GLU A 216 14.01 -3.20 -4.60
CA GLU A 216 13.60 -3.22 -6.00
C GLU A 216 13.33 -1.83 -6.53
N GLY A 217 12.61 -1.01 -5.77
CA GLY A 217 12.35 0.35 -6.16
C GLY A 217 13.44 1.30 -5.69
N VAL A 218 14.37 1.61 -6.57
CA VAL A 218 15.50 2.47 -6.24
C VAL A 218 15.97 3.17 -7.51
N THR A 219 16.56 4.35 -7.34
CA THR A 219 16.94 5.15 -8.51
C THR A 219 18.29 4.73 -9.06
N ALA A 220 19.30 4.59 -8.19
CA ALA A 220 20.64 4.29 -8.65
C ALA A 220 21.36 3.41 -7.65
N ILE A 221 22.44 2.78 -8.11
CA ILE A 221 23.24 1.87 -7.31
C ILE A 221 24.70 2.33 -7.42
N ILE A 222 25.15 3.16 -6.47
CA ILE A 222 26.55 3.54 -6.43
C ILE A 222 27.39 2.30 -6.17
N PHE A 223 28.49 2.16 -6.91
CA PHE A 223 29.38 1.03 -6.77
C PHE A 223 30.81 1.54 -6.57
N CYS A 224 31.45 1.09 -5.51
CA CYS A 224 32.81 1.54 -5.19
C CYS A 224 33.80 0.45 -5.55
N VAL A 225 34.79 0.81 -6.37
CA VAL A 225 35.86 -0.09 -6.78
C VAL A 225 37.19 0.62 -6.57
N ALA A 226 38.19 -0.13 -6.11
CA ALA A 226 39.52 0.39 -5.85
C ALA A 226 40.48 -0.09 -6.92
N LEU A 227 41.14 0.86 -7.60
CA LEU A 227 42.09 0.50 -8.64
C LEU A 227 43.38 -0.06 -8.03
N SER A 228 43.87 0.56 -6.96
CA SER A 228 45.11 0.09 -6.33
C SER A 228 44.95 -1.28 -5.69
N ASP A 229 43.72 -1.76 -5.54
CA ASP A 229 43.45 -3.07 -4.96
C ASP A 229 43.43 -4.16 -6.03
N TYR A 230 44.50 -4.23 -6.83
CA TYR A 230 44.62 -5.24 -7.87
C TYR A 230 45.88 -6.11 -7.74
N ASP A 231 46.94 -5.60 -7.12
CA ASP A 231 48.08 -6.42 -6.74
C ASP A 231 48.06 -6.81 -5.28
N LEU A 232 46.96 -6.52 -4.58
CA LEU A 232 46.80 -6.89 -3.17
C LEU A 232 45.91 -8.14 -3.12
N VAL A 233 46.53 -9.28 -2.80
CA VAL A 233 45.79 -10.54 -2.76
C VAL A 233 44.88 -10.56 -1.53
N LEU A 234 43.77 -11.29 -1.65
CA LEU A 234 42.80 -11.40 -0.57
C LEU A 234 43.44 -11.93 0.70
N ALA A 235 42.75 -11.69 1.83
CA ALA A 235 43.11 -12.35 3.08
C ALA A 235 42.58 -13.77 3.08
N GLU A 236 43.02 -14.55 4.07
CA GLU A 236 42.64 -15.96 4.25
C GLU A 236 42.75 -16.76 2.95
N ASP A 237 43.61 -16.28 2.05
CA ASP A 237 43.84 -16.92 0.76
C ASP A 237 45.03 -16.24 0.11
N GLU A 238 45.65 -16.91 -0.86
CA GLU A 238 46.82 -16.38 -1.52
C GLU A 238 46.79 -16.46 -3.04
N GLU A 239 45.89 -17.25 -3.63
CA GLU A 239 45.86 -17.41 -5.08
C GLU A 239 44.56 -16.94 -5.72
N MET A 240 43.81 -16.06 -5.05
CA MET A 240 42.65 -15.41 -5.65
C MET A 240 42.74 -13.91 -5.41
N ASN A 241 42.56 -13.14 -6.48
CA ASN A 241 42.84 -11.71 -6.48
C ASN A 241 41.60 -10.92 -6.08
N ARG A 242 41.80 -9.80 -5.39
CA ARG A 242 40.69 -8.98 -4.94
C ARG A 242 39.97 -8.31 -6.11
N MET A 243 40.72 -7.97 -7.16
CA MET A 243 40.11 -7.34 -8.33
C MET A 243 39.12 -8.29 -9.00
N HIS A 244 39.47 -9.57 -9.09
CA HIS A 244 38.55 -10.54 -9.68
C HIS A 244 37.33 -10.74 -8.79
N GLU A 245 37.51 -10.64 -7.47
CA GLU A 245 36.36 -10.71 -6.57
C GLU A 245 35.42 -9.54 -6.77
N SER A 246 35.98 -8.34 -6.94
CA SER A 246 35.14 -7.17 -7.21
C SER A 246 34.43 -7.30 -8.55
N MET A 247 35.13 -7.83 -9.56
CA MET A 247 34.49 -8.05 -10.85
C MET A 247 33.35 -9.05 -10.75
N LYS A 248 33.55 -10.13 -9.99
CA LYS A 248 32.49 -11.12 -9.82
C LYS A 248 31.30 -10.53 -9.07
N LEU A 249 31.57 -9.69 -8.06
CA LEU A 249 30.47 -9.06 -7.33
C LEU A 249 29.70 -8.10 -8.23
N PHE A 250 30.41 -7.35 -9.08
CA PHE A 250 29.74 -6.45 -10.00
C PHE A 250 28.91 -7.22 -11.02
N ASP A 251 29.43 -8.36 -11.48
CA ASP A 251 28.67 -9.21 -12.42
C ASP A 251 27.42 -9.77 -11.75
N SER A 252 27.53 -10.12 -10.47
CA SER A 252 26.37 -10.64 -9.75
C SER A 252 25.32 -9.56 -9.51
N ILE A 253 25.77 -8.33 -9.25
CA ILE A 253 24.82 -7.25 -8.99
C ILE A 253 24.16 -6.72 -10.25
N CYS A 254 24.93 -6.54 -11.34
CA CYS A 254 24.38 -5.93 -12.55
C CYS A 254 23.39 -6.84 -13.27
N ASN A 255 23.57 -8.16 -13.18
CA ASN A 255 22.73 -9.11 -13.88
C ASN A 255 21.64 -9.71 -12.99
N ASN A 256 21.29 -9.03 -11.91
CA ASN A 256 20.24 -9.53 -11.02
C ASN A 256 18.87 -9.36 -11.67
N LYS A 257 17.94 -10.24 -11.30
CA LYS A 257 16.60 -10.20 -11.87
C LYS A 257 15.75 -9.07 -11.31
N TRP A 258 16.17 -8.43 -10.22
CA TRP A 258 15.45 -7.30 -9.67
C TRP A 258 15.97 -5.96 -10.22
N PHE A 259 17.28 -5.84 -10.37
CA PHE A 259 17.89 -4.61 -10.89
C PHE A 259 18.12 -4.72 -12.40
N THR A 260 17.03 -4.98 -13.12
CA THR A 260 17.09 -5.08 -14.57
C THR A 260 16.72 -3.78 -15.26
N ASP A 261 16.35 -2.74 -14.51
CA ASP A 261 15.97 -1.46 -15.08
C ASP A 261 16.66 -0.26 -14.42
N THR A 262 17.39 -0.48 -13.33
CA THR A 262 18.01 0.63 -12.60
C THR A 262 19.43 0.85 -13.11
N SER A 263 19.78 2.12 -13.34
CA SER A 263 21.12 2.46 -13.79
C SER A 263 22.14 2.17 -12.70
N ILE A 264 23.41 2.21 -13.09
CA ILE A 264 24.52 1.90 -12.19
C ILE A 264 25.56 3.01 -12.32
N ILE A 265 26.00 3.53 -11.17
CA ILE A 265 27.05 4.53 -11.10
C ILE A 265 28.29 3.88 -10.49
N LEU A 266 29.40 3.94 -11.21
CA LEU A 266 30.63 3.25 -10.81
C LEU A 266 31.72 4.26 -10.53
N PHE A 267 32.43 4.06 -9.43
CA PHE A 267 33.49 4.96 -8.98
C PHE A 267 34.81 4.20 -8.92
N LEU A 268 35.88 4.84 -9.39
CA LEU A 268 37.23 4.32 -9.23
C LEU A 268 37.94 5.20 -8.21
N ASN A 269 38.07 4.70 -6.98
CA ASN A 269 38.43 5.57 -5.86
C ASN A 269 39.91 5.96 -5.90
N LYS A 270 40.79 4.99 -5.78
CA LYS A 270 42.22 5.25 -5.63
C LYS A 270 42.89 5.27 -7.00
N LYS A 271 43.57 6.38 -7.30
CA LYS A 271 44.28 6.50 -8.56
C LYS A 271 45.77 6.81 -8.39
N ASP A 272 46.16 7.60 -7.40
CA ASP A 272 47.57 7.89 -7.20
C ASP A 272 48.34 6.65 -6.79
N LEU A 273 47.81 5.90 -5.82
CA LEU A 273 48.44 4.63 -5.44
C LEU A 273 48.44 3.66 -6.61
N PHE A 274 47.37 3.67 -7.41
CA PHE A 274 47.32 2.81 -8.59
C PHE A 274 48.44 3.14 -9.57
N GLU A 275 48.68 4.43 -9.81
CA GLU A 275 49.76 4.83 -10.70
C GLU A 275 51.12 4.43 -10.13
N GLU A 276 51.34 4.72 -8.84
CA GLU A 276 52.63 4.43 -8.23
C GLU A 276 52.90 2.94 -8.20
N LYS A 277 51.84 2.13 -8.12
CA LYS A 277 52.02 0.68 -8.10
C LYS A 277 52.18 0.12 -9.51
N ILE A 278 51.51 0.72 -10.49
CA ILE A 278 51.57 0.19 -11.84
C ILE A 278 52.88 0.58 -12.52
N LYS A 279 53.49 1.69 -12.10
CA LYS A 279 54.79 2.06 -12.65
C LYS A 279 55.90 1.21 -12.05
N LYS A 280 55.70 0.73 -10.82
CA LYS A 280 56.71 -0.12 -10.19
C LYS A 280 56.43 -1.59 -10.44
N SER A 281 55.16 -1.97 -10.56
CA SER A 281 54.76 -3.35 -10.81
C SER A 281 53.83 -3.41 -12.01
N PRO A 282 54.10 -4.26 -13.01
CA PRO A 282 53.28 -4.26 -14.22
C PRO A 282 51.84 -4.67 -13.95
N LEU A 283 50.96 -4.31 -14.88
CA LEU A 283 49.55 -4.66 -14.79
C LEU A 283 49.29 -6.12 -15.12
N THR A 284 50.26 -6.82 -15.72
CA THR A 284 50.08 -8.20 -16.12
C THR A 284 49.91 -9.14 -14.93
N ILE A 285 50.12 -8.67 -13.70
CA ILE A 285 49.97 -9.53 -12.54
C ILE A 285 48.51 -9.91 -12.35
N CYS A 286 47.60 -8.96 -12.49
CA CYS A 286 46.18 -9.22 -12.32
C CYS A 286 45.54 -9.75 -13.59
N TYR A 287 45.70 -9.03 -14.71
CA TYR A 287 45.16 -9.47 -15.99
C TYR A 287 46.24 -10.20 -16.77
N PRO A 288 46.04 -11.45 -17.15
CA PRO A 288 47.11 -12.21 -17.81
C PRO A 288 47.31 -11.83 -19.28
N GLU A 289 46.28 -11.30 -19.93
CA GLU A 289 46.38 -10.88 -21.32
C GLU A 289 46.30 -9.35 -21.39
N TYR A 290 47.43 -8.72 -21.63
CA TYR A 290 47.51 -7.27 -21.79
C TYR A 290 48.70 -6.93 -22.68
N ALA A 291 48.45 -6.11 -23.71
CA ALA A 291 49.49 -5.73 -24.65
C ALA A 291 49.94 -4.27 -24.50
N GLY A 292 49.19 -3.45 -23.78
CA GLY A 292 49.54 -2.05 -23.64
C GLY A 292 50.77 -1.84 -22.76
N SER A 293 51.26 -0.60 -22.78
CA SER A 293 52.40 -0.24 -21.94
C SER A 293 51.97 -0.07 -20.49
N ASN A 294 52.95 -0.08 -19.60
CA ASN A 294 52.70 -0.02 -18.15
C ASN A 294 52.71 1.44 -17.69
N THR A 295 51.66 2.18 -18.07
CA THR A 295 51.41 3.52 -17.58
C THR A 295 49.93 3.67 -17.28
N TYR A 296 49.57 4.77 -16.62
CA TYR A 296 48.25 4.90 -16.03
C TYR A 296 47.16 5.10 -17.08
N GLU A 297 47.47 5.83 -18.16
CA GLU A 297 46.43 6.34 -19.03
C GLU A 297 45.65 5.22 -19.70
N GLU A 298 46.32 4.39 -20.50
CA GLU A 298 45.58 3.33 -21.20
C GLU A 298 45.13 2.24 -20.25
N ALA A 299 45.82 2.11 -19.11
CA ALA A 299 45.42 1.09 -18.13
C ALA A 299 44.07 1.43 -17.52
N ALA A 300 43.83 2.71 -17.22
CA ALA A 300 42.53 3.10 -16.68
C ALA A 300 41.42 2.83 -17.68
N ALA A 301 41.65 3.14 -18.95
CA ALA A 301 40.65 2.86 -19.98
C ALA A 301 40.42 1.36 -20.14
N TYR A 302 41.48 0.56 -20.03
CA TYR A 302 41.33 -0.89 -20.12
C TYR A 302 40.50 -1.42 -18.97
N ILE A 303 40.77 -0.95 -17.74
CA ILE A 303 39.98 -1.39 -16.60
C ILE A 303 38.52 -0.96 -16.75
N GLN A 304 38.28 0.26 -17.21
CA GLN A 304 36.91 0.72 -17.42
C GLN A 304 36.19 -0.12 -18.46
N CYS A 305 36.87 -0.46 -19.56
CA CYS A 305 36.27 -1.28 -20.59
C CYS A 305 35.98 -2.69 -20.08
N GLN A 306 36.89 -3.23 -19.26
CA GLN A 306 36.67 -4.56 -18.70
C GLN A 306 35.49 -4.56 -17.73
N PHE A 307 35.31 -3.48 -16.99
CA PHE A 307 34.19 -3.41 -16.06
C PHE A 307 32.86 -3.17 -16.76
N GLU A 308 32.85 -2.37 -17.82
CA GLU A 308 31.60 -2.06 -18.50
C GLU A 308 31.12 -3.22 -19.36
N ASP A 309 32.02 -4.12 -19.76
CA ASP A 309 31.61 -5.25 -20.60
C ASP A 309 30.83 -6.31 -19.83
N LEU A 310 30.89 -6.31 -18.50
CA LEU A 310 30.14 -7.25 -17.68
C LEU A 310 28.70 -6.77 -17.48
N ASN A 311 28.00 -6.50 -18.58
CA ASN A 311 26.64 -5.97 -18.54
C ASN A 311 25.85 -6.66 -19.66
N LYS A 312 25.08 -7.67 -19.29
CA LYS A 312 24.29 -8.40 -20.28
C LYS A 312 23.16 -7.54 -20.83
N ARG A 313 22.49 -6.80 -19.96
CA ARG A 313 21.41 -5.89 -20.39
C ARG A 313 22.05 -4.59 -20.85
N LYS A 314 22.52 -4.59 -22.10
CA LYS A 314 23.20 -3.45 -22.68
C LYS A 314 22.27 -2.51 -23.43
N ASP A 315 20.97 -2.81 -23.48
CA ASP A 315 20.00 -1.99 -24.17
C ASP A 315 18.95 -1.39 -23.26
N THR A 316 19.00 -1.65 -21.96
CA THR A 316 18.01 -1.15 -21.01
C THR A 316 18.61 -0.27 -19.92
N LYS A 317 19.83 -0.55 -19.48
CA LYS A 317 20.44 0.23 -18.41
C LYS A 317 21.79 0.75 -18.89
N GLU A 318 22.24 1.84 -18.25
CA GLU A 318 23.50 2.47 -18.59
C GLU A 318 24.39 2.53 -17.36
N ILE A 319 25.70 2.47 -17.59
CA ILE A 319 26.70 2.51 -16.53
C ILE A 319 27.47 3.80 -16.65
N TYR A 320 27.42 4.63 -15.62
CA TYR A 320 28.12 5.91 -15.59
C TYR A 320 29.40 5.74 -14.78
N THR A 321 30.55 5.76 -15.46
CA THR A 321 31.84 5.55 -14.82
C THR A 321 32.49 6.88 -14.49
N HIS A 322 33.12 6.94 -13.31
CA HIS A 322 33.79 8.15 -12.87
C HIS A 322 35.04 7.80 -12.08
N PHE A 323 36.01 8.70 -12.09
CA PHE A 323 37.25 8.57 -11.33
C PHE A 323 37.21 9.57 -10.18
N THR A 324 37.19 9.06 -8.95
CA THR A 324 37.03 9.92 -7.78
C THR A 324 38.22 10.83 -7.60
N CYS A 325 37.95 12.11 -7.38
CA CYS A 325 38.95 13.15 -7.16
C CYS A 325 38.89 13.63 -5.71
N ALA A 326 39.74 14.60 -5.39
CA ALA A 326 39.86 15.04 -4.00
C ALA A 326 38.79 16.06 -3.60
N THR A 327 38.19 16.76 -4.56
CA THR A 327 37.23 17.82 -4.25
C THR A 327 35.82 17.23 -4.19
N ASP A 328 35.01 17.73 -3.27
CA ASP A 328 33.64 17.24 -3.08
C ASP A 328 32.75 17.62 -4.26
N THR A 329 32.97 18.81 -4.83
CA THR A 329 32.01 19.36 -5.79
C THR A 329 31.92 18.50 -7.04
N LYS A 330 33.04 17.96 -7.52
CA LYS A 330 32.99 17.17 -8.75
C LYS A 330 32.23 15.87 -8.55
N ASN A 331 32.46 15.20 -7.41
CA ASN A 331 31.74 13.95 -7.14
C ASN A 331 30.25 14.21 -6.99
N VAL A 332 29.88 15.23 -6.22
CA VAL A 332 28.46 15.50 -6.03
C VAL A 332 27.81 15.93 -7.33
N GLN A 333 28.53 16.70 -8.16
CA GLN A 333 27.98 17.13 -9.43
C GLN A 333 27.79 15.95 -10.38
N PHE A 334 28.72 15.00 -10.37
CA PHE A 334 28.57 13.81 -11.20
C PHE A 334 27.37 12.99 -10.75
N VAL A 335 27.21 12.80 -9.44
CA VAL A 335 26.04 12.06 -8.95
C VAL A 335 24.75 12.77 -9.33
N PHE A 336 24.73 14.10 -9.21
CA PHE A 336 23.54 14.86 -9.55
C PHE A 336 23.21 14.77 -11.03
N ASP A 337 24.24 14.83 -11.89
CA ASP A 337 24.01 14.72 -13.33
C ASP A 337 23.50 13.34 -13.70
N ALA A 338 24.06 12.29 -13.09
CA ALA A 338 23.56 10.94 -13.37
C ALA A 338 22.12 10.78 -12.92
N VAL A 339 21.78 11.32 -11.75
CA VAL A 339 20.40 11.21 -11.26
C VAL A 339 19.45 11.99 -12.16
N THR A 340 19.88 13.16 -12.64
CA THR A 340 19.04 13.95 -13.53
C THR A 340 18.82 13.22 -14.86
N ASP A 341 19.87 12.59 -15.39
CA ASP A 341 19.71 11.83 -16.63
C ASP A 341 18.77 10.65 -16.43
N VAL A 342 18.87 9.95 -15.30
CA VAL A 342 17.97 8.85 -15.01
C VAL A 342 16.53 9.35 -14.91
N ILE A 343 16.33 10.50 -14.28
CA ILE A 343 14.99 11.06 -14.14
C ILE A 343 14.41 11.43 -15.49
N ILE A 344 15.23 12.04 -16.35
CA ILE A 344 14.75 12.41 -17.69
C ILE A 344 14.38 11.17 -18.49
N LYS A 345 15.22 10.13 -18.41
CA LYS A 345 14.92 8.89 -19.14
C LYS A 345 13.63 8.26 -18.62
N ASN A 346 13.43 8.25 -17.30
CA ASN A 346 12.21 7.67 -16.74
C ASN A 346 10.98 8.47 -17.16
N ASN A 347 11.10 9.80 -17.19
CA ASN A 347 9.96 10.62 -17.60
C ASN A 347 9.64 10.41 -19.07
N LEU A 348 10.66 10.24 -19.91
CA LEU A 348 10.40 9.98 -21.32
C LEU A 348 9.80 8.60 -21.53
N LYS A 349 10.18 7.63 -20.70
CA LYS A 349 9.58 6.30 -20.77
C LYS A 349 8.14 6.32 -20.27
N ASP A 350 7.83 7.25 -19.37
CA ASP A 350 6.49 7.31 -18.79
C ASP A 350 5.46 7.73 -19.83
N CYS A 351 5.76 8.77 -20.61
CA CYS A 351 4.83 9.33 -21.57
C CYS A 351 4.77 8.53 -22.87
N GLY A 352 5.40 7.36 -22.91
CA GLY A 352 5.42 6.58 -24.14
C GLY A 352 6.10 7.27 -25.29
N LEU A 353 6.97 8.23 -25.01
CA LEU A 353 7.64 9.02 -26.03
C LEU A 353 9.03 8.48 -26.36
N PHE A 354 9.45 7.40 -25.71
CA PHE A 354 10.77 6.84 -25.96
C PHE A 354 10.77 5.33 -25.71
N GLY B 17 44.70 -35.39 14.59
CA GLY B 17 43.34 -34.93 14.33
C GLY B 17 42.40 -36.13 14.09
N SER B 18 42.87 -37.31 14.51
CA SER B 18 42.04 -38.51 14.38
C SER B 18 40.78 -38.42 15.22
N GLU B 19 40.78 -37.61 16.27
CA GLU B 19 39.56 -37.38 17.02
C GLU B 19 38.49 -36.74 16.12
N LEU B 20 38.91 -35.87 15.20
CA LEU B 20 37.96 -35.20 14.32
C LEU B 20 37.23 -36.19 13.41
N ASP B 21 37.96 -37.01 12.66
CA ASP B 21 37.28 -37.94 11.75
C ASP B 21 36.58 -39.05 12.53
N GLN B 22 37.13 -39.43 13.69
CA GLN B 22 36.42 -40.37 14.55
C GLN B 22 35.05 -39.83 14.94
N LEU B 23 34.98 -38.56 15.34
CA LEU B 23 33.69 -37.97 15.70
C LEU B 23 32.81 -37.78 14.49
N ARG B 24 33.40 -37.54 13.31
CA ARG B 24 32.61 -37.43 12.09
C ARG B 24 31.92 -38.76 11.77
N GLN B 25 32.66 -39.86 11.85
CA GLN B 25 32.06 -41.16 11.59
C GLN B 25 31.07 -41.55 12.69
N GLU B 26 31.34 -41.12 13.93
CA GLU B 26 30.37 -41.35 15.01
C GLU B 26 29.06 -40.64 14.72
N ALA B 27 29.13 -39.37 14.31
CA ALA B 27 27.94 -38.61 13.99
C ALA B 27 27.20 -39.20 12.80
N GLU B 28 27.95 -39.67 11.78
CA GLU B 28 27.31 -40.25 10.60
C GLU B 28 26.62 -41.55 10.95
N GLN B 29 27.24 -42.39 11.78
CA GLN B 29 26.62 -43.64 12.20
C GLN B 29 25.40 -43.36 13.07
N LEU B 30 25.46 -42.33 13.92
CA LEU B 30 24.30 -41.97 14.72
C LEU B 30 23.15 -41.50 13.83
N LYS B 31 23.45 -40.70 12.81
CA LYS B 31 22.41 -40.23 11.90
C LYS B 31 21.80 -41.38 11.11
N ASN B 32 22.64 -42.33 10.67
CA ASN B 32 22.13 -43.50 9.96
C ASN B 32 21.23 -44.34 10.86
N GLN B 33 21.63 -44.52 12.12
CA GLN B 33 20.80 -45.26 13.07
C GLN B 33 19.48 -44.55 13.30
N ILE B 34 19.51 -43.22 13.44
CA ILE B 34 18.28 -42.46 13.62
C ILE B 34 17.37 -42.61 12.41
N ARG B 35 17.94 -42.56 11.20
CA ARG B 35 17.13 -42.68 10.00
C ARG B 35 16.50 -44.06 9.89
N ASP B 36 17.27 -45.11 10.18
CA ASP B 36 16.73 -46.46 10.11
C ASP B 36 15.65 -46.69 11.16
N ALA B 37 15.86 -46.18 12.38
CA ALA B 37 14.84 -46.32 13.41
C ALA B 37 13.59 -45.50 13.08
N ARG B 38 13.76 -44.36 12.41
CA ARG B 38 12.63 -43.54 12.01
C ARG B 38 11.81 -44.22 10.92
N LYS B 39 12.48 -44.76 9.90
CA LYS B 39 11.74 -45.37 8.80
C LYS B 39 11.17 -46.72 9.20
N ALA B 40 11.79 -47.41 10.17
CA ALA B 40 11.31 -48.72 10.59
C ALA B 40 9.95 -48.64 11.26
N CYS B 41 9.66 -47.54 11.95
CA CYS B 41 8.38 -47.41 12.64
C CYS B 41 7.24 -46.99 11.72
N ALA B 42 7.49 -46.89 10.41
CA ALA B 42 6.47 -46.54 9.44
C ALA B 42 5.92 -47.82 8.81
N ASP B 43 4.60 -47.92 8.75
CA ASP B 43 3.93 -49.08 8.18
C ASP B 43 3.04 -48.75 7.00
N ALA B 44 2.32 -47.63 7.05
CA ALA B 44 1.42 -47.26 5.96
C ALA B 44 1.40 -45.74 5.84
N THR B 45 1.29 -45.27 4.60
CA THR B 45 1.24 -43.84 4.34
C THR B 45 -0.11 -43.26 4.79
N LEU B 46 -0.12 -41.94 4.99
CA LEU B 46 -1.35 -41.27 5.39
C LEU B 46 -2.36 -41.27 4.24
N SER B 47 -1.89 -41.21 3.00
CA SER B 47 -2.79 -41.24 1.86
C SER B 47 -3.52 -42.58 1.74
N GLN B 48 -2.89 -43.65 2.19
CA GLN B 48 -3.52 -44.96 2.11
C GLN B 48 -4.68 -45.10 3.11
N ILE B 49 -4.52 -44.51 4.29
CA ILE B 49 -5.56 -44.61 5.31
C ILE B 49 -6.74 -43.73 4.96
N THR B 50 -6.48 -42.50 4.52
CA THR B 50 -7.53 -41.56 4.15
C THR B 50 -8.00 -41.78 2.71
N ASN B 51 -8.44 -43.00 2.42
CA ASN B 51 -8.90 -43.36 1.08
C ASN B 51 -10.37 -43.75 1.05
N ASN B 52 -11.05 -43.69 2.19
CA ASN B 52 -12.46 -44.05 2.28
C ASN B 52 -13.29 -42.91 2.85
N ILE B 53 -12.87 -41.67 2.59
CA ILE B 53 -13.57 -40.49 3.06
C ILE B 53 -13.93 -39.62 1.86
N ASP B 54 -15.00 -38.83 2.01
CA ASP B 54 -15.47 -38.00 0.92
C ASP B 54 -14.81 -36.63 1.01
N PRO B 55 -14.07 -36.20 -0.01
CA PRO B 55 -13.40 -34.90 0.06
C PRO B 55 -14.38 -33.76 -0.15
N VAL B 56 -13.91 -32.54 0.17
CA VAL B 56 -14.71 -31.35 -0.08
C VAL B 56 -14.79 -31.12 -1.59
N GLY B 57 -15.98 -30.74 -2.05
CA GLY B 57 -16.19 -30.56 -3.48
C GLY B 57 -15.48 -29.35 -4.06
N ARG B 58 -15.94 -28.16 -3.69
CA ARG B 58 -15.37 -26.91 -4.18
C ARG B 58 -15.47 -25.86 -3.08
N ILE B 59 -14.35 -25.21 -2.79
CA ILE B 59 -14.31 -24.13 -1.79
C ILE B 59 -14.34 -22.82 -2.58
N GLN B 60 -15.54 -22.31 -2.80
CA GLN B 60 -15.72 -21.07 -3.54
C GLN B 60 -15.77 -19.93 -2.54
N MET B 61 -14.67 -19.17 -2.46
CA MET B 61 -14.55 -18.06 -1.53
C MET B 61 -14.46 -16.76 -2.32
N ARG B 62 -15.33 -15.81 -1.98
CA ARG B 62 -15.37 -14.51 -2.65
C ARG B 62 -14.93 -13.42 -1.68
N THR B 63 -14.29 -12.38 -2.22
CA THR B 63 -13.82 -11.29 -1.41
C THR B 63 -14.99 -10.51 -0.80
N ARG B 64 -14.78 -10.01 0.41
CA ARG B 64 -15.78 -9.23 1.12
C ARG B 64 -15.36 -7.77 1.32
N ARG B 65 -14.18 -7.56 1.90
CA ARG B 65 -13.65 -6.23 2.14
C ARG B 65 -12.33 -6.05 1.39
N THR B 66 -12.00 -4.80 1.08
CA THR B 66 -10.75 -4.45 0.43
C THR B 66 -10.12 -3.30 1.20
N LEU B 67 -9.15 -3.61 2.05
CA LEU B 67 -8.48 -2.61 2.88
C LEU B 67 -7.40 -1.94 2.06
N ARG B 68 -7.60 -0.65 1.74
CA ARG B 68 -6.67 0.11 0.92
C ARG B 68 -6.17 1.31 1.71
N GLY B 69 -5.00 1.79 1.33
CA GLY B 69 -4.39 2.92 2.01
C GLY B 69 -2.88 2.86 2.10
N HIS B 70 -2.32 1.66 1.93
CA HIS B 70 -0.88 1.52 1.90
C HIS B 70 -0.31 2.05 0.59
N LEU B 71 0.96 2.43 0.62
CA LEU B 71 1.61 3.05 -0.54
C LEU B 71 2.92 2.35 -0.91
N ALA B 72 3.11 1.10 -0.49
CA ALA B 72 4.32 0.36 -0.80
C ALA B 72 4.03 -1.13 -0.63
N LYS B 73 5.06 -1.95 -0.74
CA LYS B 73 4.91 -3.39 -0.58
C LYS B 73 4.50 -3.71 0.85
N ILE B 74 3.81 -4.84 1.01
CA ILE B 74 3.34 -5.31 2.31
C ILE B 74 4.08 -6.59 2.65
N TYR B 75 4.65 -6.64 3.84
CA TYR B 75 5.49 -7.76 4.24
C TYR B 75 5.00 -8.53 5.46
N ALA B 76 4.06 -7.98 6.23
CA ALA B 76 3.62 -8.64 7.45
C ALA B 76 2.19 -8.26 7.77
N MET B 77 1.42 -9.23 8.24
CA MET B 77 0.03 -9.02 8.65
C MET B 77 -0.30 -10.01 9.75
N HIS B 78 -0.97 -9.54 10.80
CA HIS B 78 -1.34 -10.40 11.91
C HIS B 78 -2.76 -10.07 12.38
N TRP B 79 -3.44 -11.11 12.83
CA TRP B 79 -4.81 -10.98 13.35
C TRP B 79 -4.79 -10.84 14.86
N GLY B 80 -5.76 -10.08 15.38
CA GLY B 80 -5.95 -10.00 16.81
C GLY B 80 -6.66 -11.23 17.36
N THR B 81 -6.66 -11.34 18.68
CA THR B 81 -7.32 -12.47 19.33
C THR B 81 -8.84 -12.30 19.38
N ASP B 82 -9.34 -11.09 19.13
CA ASP B 82 -10.77 -10.83 19.15
C ASP B 82 -11.42 -11.00 17.77
N SER B 83 -10.64 -11.41 16.76
CA SER B 83 -11.14 -11.67 15.42
C SER B 83 -11.78 -10.45 14.77
N ARG B 84 -11.41 -9.26 15.20
CA ARG B 84 -11.99 -8.04 14.63
C ARG B 84 -10.95 -7.05 14.14
N LEU B 85 -9.83 -6.91 14.85
CA LEU B 85 -8.78 -5.97 14.50
C LEU B 85 -7.57 -6.73 13.96
N LEU B 86 -6.86 -6.09 13.03
CA LEU B 86 -5.64 -6.68 12.48
C LEU B 86 -4.57 -5.60 12.37
N VAL B 87 -3.33 -6.03 12.27
CA VAL B 87 -2.18 -5.13 12.15
C VAL B 87 -1.42 -5.48 10.88
N SER B 88 -0.95 -4.45 10.17
CA SER B 88 -0.25 -4.62 8.91
C SER B 88 1.00 -3.76 8.90
N ALA B 89 2.04 -4.27 8.24
CA ALA B 89 3.32 -3.56 8.12
C ALA B 89 3.69 -3.43 6.66
N SER B 90 4.25 -2.28 6.29
CA SER B 90 4.62 -2.01 4.91
C SER B 90 5.95 -1.28 4.87
N GLN B 91 6.49 -1.13 3.65
CA GLN B 91 7.81 -0.55 3.48
C GLN B 91 7.83 0.96 3.60
N ASP B 92 6.67 1.63 3.50
CA ASP B 92 6.64 3.08 3.59
C ASP B 92 6.85 3.58 5.01
N GLY B 93 6.91 2.69 6.00
CA GLY B 93 7.14 3.07 7.37
C GLY B 93 5.91 3.21 8.23
N LYS B 94 4.80 2.56 7.86
CA LYS B 94 3.56 2.66 8.61
C LYS B 94 3.17 1.31 9.19
N LEU B 95 2.41 1.36 10.28
CA LEU B 95 1.95 0.18 11.00
C LEU B 95 0.45 0.28 11.27
N ILE B 96 -0.31 0.57 10.22
CA ILE B 96 -1.74 0.83 10.35
C ILE B 96 -2.45 -0.36 11.01
N ILE B 97 -3.43 -0.05 11.85
CA ILE B 97 -4.27 -1.04 12.51
C ILE B 97 -5.65 -0.96 11.89
N TRP B 98 -6.09 -2.04 11.27
CA TRP B 98 -7.34 -2.08 10.52
C TRP B 98 -8.45 -2.72 11.32
N ASP B 99 -9.66 -2.18 11.16
CA ASP B 99 -10.87 -2.81 11.66
C ASP B 99 -11.49 -3.61 10.52
N SER B 100 -11.57 -4.92 10.67
CA SER B 100 -11.95 -5.79 9.56
C SER B 100 -13.42 -5.63 9.19
N TYR B 101 -14.27 -5.29 10.17
CA TYR B 101 -15.70 -5.24 9.91
C TYR B 101 -16.09 -3.99 9.12
N THR B 102 -15.66 -2.81 9.59
CA THR B 102 -16.11 -1.55 9.03
C THR B 102 -15.07 -0.87 8.15
N THR B 103 -13.90 -1.50 7.94
CA THR B 103 -12.83 -1.03 7.06
C THR B 103 -12.14 0.22 7.59
N ASN B 104 -12.60 0.78 8.71
CA ASN B 104 -11.98 1.98 9.25
C ASN B 104 -10.60 1.67 9.82
N LYS B 105 -9.79 2.71 9.95
CA LYS B 105 -8.47 2.62 10.56
C LYS B 105 -8.52 3.11 12.00
N VAL B 106 -7.69 2.52 12.85
CA VAL B 106 -7.66 2.89 14.26
C VAL B 106 -6.36 3.57 14.66
N HIS B 107 -5.25 3.25 14.01
CA HIS B 107 -3.97 3.87 14.34
C HIS B 107 -3.10 3.94 13.09
N ALA B 108 -2.15 4.87 13.12
CA ALA B 108 -1.24 5.10 12.00
C ALA B 108 0.19 5.22 12.52
N ILE B 109 0.59 4.26 13.35
CA ILE B 109 1.89 4.30 14.03
C ILE B 109 3.01 4.43 13.01
N PRO B 110 3.85 5.46 13.08
CA PRO B 110 5.02 5.54 12.20
C PRO B 110 6.19 4.76 12.79
N LEU B 111 7.22 4.60 11.98
CA LEU B 111 8.39 3.81 12.34
C LEU B 111 9.66 4.64 12.15
N ARG B 112 10.69 4.29 12.93
CA ARG B 112 11.96 4.98 12.80
C ARG B 112 12.66 4.64 11.49
N SER B 113 12.77 3.34 11.18
CA SER B 113 13.38 2.88 9.95
C SER B 113 12.33 2.19 9.09
N SER B 114 12.21 2.62 7.84
CA SER B 114 11.21 2.08 6.93
C SER B 114 11.71 0.84 6.21
N TRP B 115 12.23 -0.12 6.98
CA TRP B 115 12.65 -1.42 6.45
C TRP B 115 12.19 -2.46 7.46
N VAL B 116 10.99 -2.99 7.27
CA VAL B 116 10.37 -3.92 8.20
C VAL B 116 10.01 -5.20 7.45
N MET B 117 10.16 -6.34 8.13
CA MET B 117 9.87 -7.63 7.54
C MET B 117 8.96 -8.49 8.40
N THR B 118 8.51 -8.01 9.55
CA THR B 118 7.67 -8.81 10.43
C THR B 118 6.86 -7.89 11.32
N CYS B 119 5.79 -8.43 11.89
CA CYS B 119 4.94 -7.71 12.83
C CYS B 119 4.15 -8.73 13.64
N ALA B 120 3.71 -8.32 14.81
CA ALA B 120 2.99 -9.21 15.71
C ALA B 120 1.96 -8.41 16.51
N TYR B 121 0.99 -9.14 17.06
CA TYR B 121 -0.06 -8.56 17.88
C TYR B 121 -0.11 -9.32 19.20
N ALA B 122 -0.09 -8.58 20.31
CA ALA B 122 -0.11 -9.21 21.62
C ALA B 122 -1.42 -9.93 21.84
N PRO B 123 -1.41 -11.05 22.58
CA PRO B 123 -2.66 -11.79 22.82
C PRO B 123 -3.64 -11.03 23.71
N SER B 124 -3.19 -10.01 24.43
CA SER B 124 -4.07 -9.19 25.25
C SER B 124 -4.52 -7.92 24.55
N GLY B 125 -3.95 -7.60 23.39
CA GLY B 125 -4.32 -6.40 22.65
C GLY B 125 -3.75 -5.11 23.19
N ASN B 126 -2.69 -5.17 23.99
CA ASN B 126 -2.10 -3.97 24.58
C ASN B 126 -0.90 -3.48 23.79
N TYR B 127 0.05 -4.37 23.50
CA TYR B 127 1.29 -4.01 22.83
C TYR B 127 1.32 -4.55 21.41
N VAL B 128 2.21 -3.97 20.60
CA VAL B 128 2.43 -4.41 19.23
C VAL B 128 3.93 -4.41 18.96
N ALA B 129 4.47 -5.54 18.53
CA ALA B 129 5.89 -5.68 18.25
C ALA B 129 6.14 -5.60 16.74
N CYS B 130 7.33 -5.12 16.38
CA CYS B 130 7.70 -5.00 14.98
C CYS B 130 9.21 -5.08 14.85
N GLY B 131 9.68 -5.92 13.94
CA GLY B 131 11.09 -6.06 13.63
C GLY B 131 11.48 -5.28 12.40
N GLY B 132 12.50 -5.79 11.71
CA GLY B 132 12.93 -5.16 10.48
C GLY B 132 14.37 -5.51 10.14
N LEU B 133 14.93 -4.73 9.22
CA LEU B 133 16.28 -4.95 8.72
C LEU B 133 17.34 -4.32 9.61
N ASP B 134 16.96 -3.49 10.58
CA ASP B 134 17.91 -2.84 11.47
C ASP B 134 18.18 -3.68 12.71
N ASN B 135 17.93 -5.00 12.64
CA ASN B 135 18.11 -5.95 13.75
C ASN B 135 17.70 -5.38 15.10
N ILE B 136 16.53 -4.75 15.16
CA ILE B 136 16.01 -4.15 16.38
C ILE B 136 14.52 -4.39 16.44
N CYS B 137 14.03 -4.89 17.57
CA CYS B 137 12.61 -5.17 17.76
C CYS B 137 12.00 -4.05 18.61
N SER B 138 11.03 -3.33 18.05
CA SER B 138 10.37 -2.23 18.72
C SER B 138 8.99 -2.68 19.19
N ILE B 139 8.70 -2.45 20.46
CA ILE B 139 7.43 -2.81 21.07
C ILE B 139 6.72 -1.52 21.47
N TYR B 140 5.57 -1.27 20.84
CA TYR B 140 4.79 -0.07 21.07
C TYR B 140 3.59 -0.38 21.97
N ASN B 141 3.23 0.58 22.82
CA ASN B 141 2.11 0.48 23.72
C ASN B 141 0.91 1.21 23.12
N LEU B 142 -0.26 0.58 23.15
CA LEU B 142 -1.46 1.13 22.55
C LEU B 142 -2.46 1.66 23.57
N LYS B 143 -2.26 1.40 24.86
CA LYS B 143 -3.20 1.78 25.91
C LYS B 143 -2.61 2.81 26.85
N THR B 144 -1.91 3.80 26.29
CA THR B 144 -1.33 4.86 27.10
C THR B 144 -2.41 5.83 27.57
N ARG B 145 -2.04 6.67 28.53
CA ARG B 145 -2.98 7.66 29.05
C ARG B 145 -3.29 8.74 28.03
N GLU B 146 -2.30 9.11 27.22
CA GLU B 146 -2.48 10.12 26.18
C GLU B 146 -3.19 9.48 24.98
N GLY B 147 -3.27 10.23 23.88
CA GLY B 147 -3.92 9.76 22.68
C GLY B 147 -2.99 9.25 21.60
N ASN B 148 -1.68 9.30 21.81
CA ASN B 148 -0.71 8.86 20.82
C ASN B 148 -0.28 7.42 21.11
N VAL B 149 0.74 6.95 20.41
CA VAL B 149 1.31 5.63 20.61
C VAL B 149 2.81 5.79 20.83
N ARG B 150 3.29 5.35 21.98
CA ARG B 150 4.69 5.49 22.35
C ARG B 150 5.44 4.18 22.13
N VAL B 151 6.76 4.28 22.09
CA VAL B 151 7.64 3.13 21.96
C VAL B 151 7.95 2.64 23.37
N SER B 152 7.29 1.56 23.79
CA SER B 152 7.47 1.08 25.15
C SER B 152 8.84 0.43 25.34
N ARG B 153 9.30 -0.34 24.35
CA ARG B 153 10.57 -1.05 24.50
C ARG B 153 11.27 -1.11 23.15
N GLU B 154 12.60 -1.19 23.21
CA GLU B 154 13.44 -1.28 22.02
C GLU B 154 14.55 -2.29 22.29
N LEU B 155 14.33 -3.54 21.88
CA LEU B 155 15.28 -4.63 22.09
C LEU B 155 16.29 -4.67 20.97
N ALA B 156 17.57 -4.66 21.32
CA ALA B 156 18.68 -4.66 20.35
C ALA B 156 19.78 -5.56 20.89
N GLY B 157 19.76 -6.82 20.47
CA GLY B 157 20.80 -7.76 20.85
C GLY B 157 21.15 -8.73 19.74
N HIS B 158 20.60 -8.52 18.56
CA HIS B 158 20.84 -9.37 17.41
C HIS B 158 21.81 -8.70 16.44
N THR B 159 22.59 -9.54 15.74
CA THR B 159 23.51 -9.04 14.72
C THR B 159 22.86 -9.06 13.34
N GLY B 160 22.27 -10.19 12.96
CA GLY B 160 21.58 -10.28 11.69
C GLY B 160 20.17 -9.72 11.77
N TYR B 161 19.59 -9.51 10.59
CA TYR B 161 18.26 -8.92 10.49
C TYR B 161 17.22 -9.84 11.11
N LEU B 162 16.20 -9.24 11.72
CA LEU B 162 15.09 -10.01 12.29
C LEU B 162 14.09 -10.38 11.20
N SER B 163 13.64 -11.63 11.22
CA SER B 163 12.68 -12.11 10.23
C SER B 163 11.31 -12.39 10.79
N CYS B 164 11.20 -12.73 12.08
CA CYS B 164 9.91 -13.04 12.68
C CYS B 164 10.01 -12.91 14.19
N CYS B 165 8.90 -12.52 14.81
CA CYS B 165 8.82 -12.34 16.25
C CYS B 165 7.40 -12.62 16.70
N ARG B 166 7.27 -13.35 17.81
CA ARG B 166 5.97 -13.76 18.33
C ARG B 166 5.88 -13.49 19.82
N PHE B 167 4.73 -13.00 20.25
CA PHE B 167 4.47 -12.70 21.65
C PHE B 167 4.11 -14.00 22.37
N LEU B 168 5.08 -14.56 23.10
CA LEU B 168 4.80 -15.74 23.91
C LEU B 168 3.89 -15.39 25.08
N ASP B 169 3.99 -14.18 25.59
CA ASP B 169 3.12 -13.67 26.64
C ASP B 169 3.13 -12.14 26.55
N ASP B 170 2.47 -11.49 27.50
CA ASP B 170 2.46 -10.03 27.51
C ASP B 170 3.81 -9.46 27.93
N ASN B 171 4.65 -10.26 28.59
CA ASN B 171 5.95 -9.80 29.05
C ASN B 171 7.13 -10.52 28.40
N GLN B 172 6.88 -11.57 27.62
CA GLN B 172 7.94 -12.33 26.96
C GLN B 172 7.67 -12.40 25.47
N ILE B 173 8.73 -12.31 24.68
CA ILE B 173 8.65 -12.34 23.22
C ILE B 173 9.82 -13.15 22.69
N VAL B 174 9.55 -13.98 21.68
CA VAL B 174 10.57 -14.83 21.07
C VAL B 174 10.76 -14.40 19.62
N THR B 175 12.00 -14.12 19.24
CA THR B 175 12.33 -13.67 17.90
C THR B 175 13.30 -14.65 17.26
N SER B 176 13.29 -14.69 15.93
CA SER B 176 14.20 -15.53 15.15
C SER B 176 14.95 -14.61 14.18
N SER B 177 16.25 -14.45 14.39
CA SER B 177 17.03 -13.49 13.63
C SER B 177 17.77 -14.16 12.49
N GLY B 178 18.43 -13.32 11.69
CA GLY B 178 19.13 -13.80 10.51
C GLY B 178 20.49 -14.43 10.77
N ASP B 179 21.04 -14.26 11.97
CA ASP B 179 22.34 -14.84 12.28
C ASP B 179 22.22 -16.23 12.89
N THR B 180 21.42 -17.08 12.24
CA THR B 180 21.29 -18.49 12.60
C THR B 180 20.99 -18.69 14.09
N THR B 181 20.06 -17.90 14.63
CA THR B 181 19.75 -18.02 16.04
C THR B 181 18.37 -17.45 16.33
N CYS B 182 17.86 -17.82 17.51
CA CYS B 182 16.62 -17.30 18.04
C CYS B 182 16.83 -16.88 19.49
N ALA B 183 15.98 -15.98 19.98
CA ALA B 183 16.15 -15.44 21.32
C ALA B 183 14.81 -15.20 21.98
N LEU B 184 14.67 -15.66 23.22
CA LEU B 184 13.52 -15.37 24.06
C LEU B 184 13.93 -14.29 25.06
N TRP B 185 13.23 -13.17 25.03
CA TRP B 185 13.60 -11.97 25.76
C TRP B 185 12.69 -11.75 26.95
N ASP B 186 12.98 -10.68 27.69
CA ASP B 186 12.13 -10.18 28.76
C ASP B 186 11.96 -8.68 28.54
N ILE B 187 10.72 -8.25 28.34
CA ILE B 187 10.48 -6.89 27.87
C ILE B 187 10.81 -5.86 28.94
N GLU B 188 10.51 -6.16 30.19
CA GLU B 188 10.66 -5.15 31.25
C GLU B 188 12.13 -4.87 31.55
N THR B 189 12.97 -5.90 31.54
CA THR B 189 14.39 -5.69 31.80
C THR B 189 15.16 -5.34 30.53
N GLY B 190 14.64 -5.70 29.37
CA GLY B 190 15.24 -5.34 28.09
C GLY B 190 16.29 -6.30 27.57
N GLN B 191 16.76 -7.24 28.38
CA GLN B 191 17.80 -8.17 27.97
C GLN B 191 17.20 -9.55 27.71
N GLN B 192 17.79 -10.27 26.76
CA GLN B 192 17.32 -11.60 26.42
C GLN B 192 17.60 -12.59 27.56
N THR B 193 16.69 -13.54 27.73
CA THR B 193 16.83 -14.54 28.78
C THR B 193 17.37 -15.86 28.24
N THR B 194 16.91 -16.28 27.06
CA THR B 194 17.32 -17.55 26.48
C THR B 194 17.75 -17.36 25.03
N THR B 195 18.76 -18.13 24.62
CA THR B 195 19.25 -18.09 23.26
C THR B 195 19.28 -19.50 22.69
N PHE B 196 18.58 -19.70 21.58
CA PHE B 196 18.50 -20.99 20.89
C PHE B 196 19.41 -20.93 19.66
N THR B 197 20.44 -21.78 19.65
CA THR B 197 21.36 -21.89 18.54
C THR B 197 21.41 -23.34 18.07
N GLY B 198 21.97 -23.53 16.88
CA GLY B 198 22.06 -24.86 16.30
C GLY B 198 21.84 -24.90 14.81
N HIS B 199 21.09 -23.92 14.29
CA HIS B 199 20.86 -23.85 12.85
C HIS B 199 22.12 -23.38 12.14
N THR B 200 22.36 -23.92 10.96
CA THR B 200 23.49 -23.53 10.14
C THR B 200 23.12 -22.49 9.09
N GLY B 201 21.85 -22.13 8.97
CA GLY B 201 21.42 -21.14 8.01
C GLY B 201 20.53 -20.08 8.63
N ASP B 202 20.08 -19.13 7.81
CA ASP B 202 19.27 -18.02 8.32
C ASP B 202 17.88 -18.51 8.71
N VAL B 203 17.58 -18.44 10.01
CA VAL B 203 16.24 -18.75 10.49
C VAL B 203 15.31 -17.61 10.07
N MET B 204 14.29 -17.93 9.28
CA MET B 204 13.47 -16.87 8.71
C MET B 204 11.97 -17.05 9.00
N SER B 205 11.60 -18.01 9.86
CA SER B 205 10.22 -18.20 10.24
C SER B 205 10.14 -19.13 11.44
N LEU B 206 9.30 -18.77 12.41
CA LEU B 206 9.04 -19.64 13.54
C LEU B 206 7.57 -19.55 13.89
N SER B 207 7.09 -20.58 14.60
CA SER B 207 5.70 -20.66 15.02
C SER B 207 5.63 -21.22 16.43
N LEU B 208 4.80 -20.59 17.26
CA LEU B 208 4.59 -21.03 18.62
C LEU B 208 3.49 -22.09 18.69
N ALA B 209 3.62 -22.99 19.66
CA ALA B 209 2.61 -24.02 19.85
C ALA B 209 1.35 -23.41 20.44
N PRO B 210 0.19 -24.07 20.27
CA PRO B 210 -1.05 -23.52 20.84
C PRO B 210 -1.01 -23.32 22.34
N ASP B 211 -0.33 -24.22 23.06
CA ASP B 211 -0.20 -24.10 24.51
C ASP B 211 0.97 -23.21 24.93
N THR B 212 1.76 -22.72 23.96
CA THR B 212 2.85 -21.77 24.20
C THR B 212 3.84 -22.31 25.23
N ARG B 213 4.31 -23.52 24.97
CA ARG B 213 5.39 -24.12 25.75
C ARG B 213 6.52 -24.63 24.88
N LEU B 214 6.24 -24.97 23.62
CA LEU B 214 7.25 -25.30 22.63
C LEU B 214 7.02 -24.46 21.39
N PHE B 215 7.97 -24.51 20.46
CA PHE B 215 7.81 -23.82 19.19
C PHE B 215 8.71 -24.48 18.15
N VAL B 216 8.52 -24.08 16.90
CA VAL B 216 9.27 -24.64 15.78
C VAL B 216 9.88 -23.49 14.99
N SER B 217 11.03 -23.76 14.36
CA SER B 217 11.72 -22.77 13.55
C SER B 217 12.35 -23.46 12.35
N GLY B 218 12.16 -22.88 11.17
CA GLY B 218 12.73 -23.43 9.95
C GLY B 218 13.88 -22.62 9.42
N ALA B 219 15.03 -23.26 9.23
CA ALA B 219 16.23 -22.55 8.80
C ALA B 219 16.15 -22.26 7.30
N CYS B 220 17.27 -21.78 6.76
CA CYS B 220 17.38 -21.47 5.34
C CYS B 220 18.02 -22.62 4.55
N ASP B 221 18.33 -23.74 5.21
CA ASP B 221 18.91 -24.90 4.53
C ASP B 221 18.12 -26.15 4.91
N ALA B 222 16.99 -26.34 4.23
CA ALA B 222 16.21 -27.58 4.24
C ALA B 222 16.20 -28.26 5.61
N SER B 223 15.78 -27.52 6.63
CA SER B 223 15.79 -28.07 7.98
C SER B 223 14.80 -27.31 8.85
N ALA B 224 14.16 -28.04 9.76
CA ALA B 224 13.30 -27.45 10.77
C ALA B 224 13.65 -28.05 12.13
N LYS B 225 13.46 -27.27 13.18
CA LYS B 225 13.81 -27.70 14.53
C LYS B 225 12.70 -27.33 15.50
N LEU B 226 12.57 -28.16 16.54
CA LEU B 226 11.56 -27.99 17.58
C LEU B 226 12.27 -27.66 18.89
N TRP B 227 11.98 -26.50 19.46
CA TRP B 227 12.61 -26.03 20.69
C TRP B 227 11.58 -25.95 21.80
N ASP B 228 12.05 -26.12 23.03
CA ASP B 228 11.27 -25.87 24.22
C ASP B 228 11.80 -24.63 24.94
N VAL B 229 10.89 -23.78 25.41
CA VAL B 229 11.31 -22.48 25.94
C VAL B 229 11.85 -22.62 27.35
N ARG B 230 11.45 -23.69 28.05
CA ARG B 230 11.91 -23.87 29.43
C ARG B 230 13.37 -24.28 29.48
N GLU B 231 13.72 -25.40 28.85
CA GLU B 231 15.10 -25.88 28.91
C GLU B 231 16.00 -25.12 27.94
N GLY B 232 15.51 -24.78 26.76
CA GLY B 232 16.30 -24.02 25.81
C GLY B 232 17.25 -24.85 24.97
N MET B 233 16.82 -26.04 24.54
CA MET B 233 17.62 -26.92 23.71
C MET B 233 16.74 -27.56 22.64
N CYS B 234 17.38 -28.04 21.58
CA CYS B 234 16.70 -28.68 20.47
C CYS B 234 16.33 -30.11 20.84
N ARG B 235 15.06 -30.46 20.67
CA ARG B 235 14.60 -31.81 20.96
C ARG B 235 14.68 -32.72 19.74
N GLN B 236 14.06 -32.30 18.64
CA GLN B 236 14.06 -33.08 17.41
C GLN B 236 14.37 -32.18 16.23
N THR B 237 14.78 -32.79 15.13
CA THR B 237 15.05 -32.08 13.88
C THR B 237 14.34 -32.80 12.74
N PHE B 238 13.84 -32.03 11.78
CA PHE B 238 13.11 -32.56 10.64
C PHE B 238 13.75 -32.09 9.35
N THR B 239 13.93 -33.02 8.42
CA THR B 239 14.51 -32.74 7.12
C THR B 239 13.69 -33.46 6.05
N GLY B 240 14.01 -33.15 4.79
CA GLY B 240 13.30 -33.74 3.68
C GLY B 240 13.09 -32.76 2.54
N HIS B 241 13.18 -31.47 2.84
CA HIS B 241 13.10 -30.46 1.81
C HIS B 241 14.40 -30.40 1.02
N GLU B 242 14.35 -29.71 -0.11
CA GLU B 242 15.52 -29.59 -0.98
C GLU B 242 16.11 -28.18 -0.97
N SER B 243 15.29 -27.17 -1.25
CA SER B 243 15.81 -25.81 -1.40
C SER B 243 16.01 -25.14 -0.05
N ASP B 244 14.92 -24.89 0.67
CA ASP B 244 14.97 -24.20 1.96
C ASP B 244 13.57 -24.18 2.55
N ILE B 245 13.46 -23.60 3.75
CA ILE B 245 12.18 -23.44 4.45
C ILE B 245 11.79 -21.97 4.39
N ASN B 246 10.51 -21.71 4.16
CA ASN B 246 10.02 -20.35 4.01
C ASN B 246 8.87 -19.99 4.94
N ALA B 247 8.09 -20.96 5.41
CA ALA B 247 6.98 -20.69 6.32
C ALA B 247 6.58 -21.98 7.01
N ILE B 248 6.21 -21.88 8.29
CA ILE B 248 5.80 -23.01 9.11
C ILE B 248 4.59 -22.62 9.92
N CYS B 249 3.65 -23.55 10.08
CA CYS B 249 2.45 -23.32 10.87
C CYS B 249 2.05 -24.60 11.59
N PHE B 250 1.74 -24.48 12.88
CA PHE B 250 1.27 -25.64 13.64
C PHE B 250 -0.13 -26.08 13.20
N PHE B 251 -0.38 -27.36 13.41
CA PHE B 251 -1.73 -27.89 13.33
C PHE B 251 -2.53 -27.45 14.55
N PRO B 252 -3.83 -27.22 14.40
CA PRO B 252 -4.64 -26.82 15.57
C PRO B 252 -4.58 -27.82 16.72
N ASN B 253 -4.32 -29.09 16.45
CA ASN B 253 -4.21 -30.07 17.52
C ASN B 253 -2.94 -29.87 18.33
N GLY B 254 -1.83 -29.55 17.66
CA GLY B 254 -0.57 -29.32 18.32
C GLY B 254 0.43 -30.45 18.22
N ASN B 255 0.11 -31.51 17.50
CA ASN B 255 1.01 -32.66 17.33
C ASN B 255 1.55 -32.79 15.92
N ALA B 256 1.36 -31.77 15.08
CA ALA B 256 1.86 -31.79 13.71
C ALA B 256 2.02 -30.36 13.24
N PHE B 257 2.73 -30.19 12.13
CA PHE B 257 2.93 -28.86 11.57
C PHE B 257 3.23 -28.94 10.08
N ALA B 258 2.78 -27.92 9.36
CA ALA B 258 2.99 -27.80 7.92
C ALA B 258 4.15 -26.86 7.65
N THR B 259 4.99 -27.24 6.69
CA THR B 259 6.21 -26.52 6.36
C THR B 259 6.23 -26.22 4.87
N GLY B 260 6.39 -24.93 4.53
CA GLY B 260 6.50 -24.51 3.16
C GLY B 260 7.93 -24.60 2.65
N SER B 261 8.12 -24.10 1.43
CA SER B 261 9.45 -24.10 0.81
C SER B 261 9.39 -23.21 -0.43
N ASP B 262 10.51 -23.16 -1.16
CA ASP B 262 10.59 -22.41 -2.40
C ASP B 262 10.52 -23.28 -3.64
N ASP B 263 10.72 -24.59 -3.52
CA ASP B 263 10.65 -25.48 -4.68
C ASP B 263 9.25 -26.04 -4.87
N ALA B 264 8.26 -25.15 -4.85
CA ALA B 264 6.86 -25.47 -5.13
C ALA B 264 6.41 -26.75 -4.43
N THR B 265 6.73 -26.86 -3.15
CA THR B 265 6.40 -28.07 -2.39
C THR B 265 6.30 -27.74 -0.92
N CYS B 266 5.16 -28.07 -0.31
CA CYS B 266 4.95 -27.99 1.12
C CYS B 266 4.69 -29.38 1.67
N ARG B 267 5.02 -29.58 2.93
CA ARG B 267 4.95 -30.90 3.54
C ARG B 267 4.31 -30.81 4.92
N LEU B 268 3.93 -31.96 5.45
CA LEU B 268 3.31 -32.06 6.77
C LEU B 268 4.13 -33.03 7.63
N PHE B 269 4.67 -32.54 8.73
CA PHE B 269 5.47 -33.34 9.64
C PHE B 269 4.72 -33.56 10.94
N ASP B 270 5.04 -34.67 11.61
CA ASP B 270 4.44 -35.03 12.89
C ASP B 270 5.48 -34.92 14.00
N LEU B 271 5.03 -34.46 15.17
CA LEU B 271 5.95 -34.26 16.29
C LEU B 271 6.19 -35.55 17.07
N ARG B 272 5.12 -36.32 17.33
CA ARG B 272 5.27 -37.56 18.09
C ARG B 272 6.11 -38.57 17.32
N ALA B 273 5.84 -38.73 16.02
CA ALA B 273 6.64 -39.55 15.13
C ALA B 273 7.40 -38.59 14.22
N ASP B 274 8.69 -38.42 14.47
CA ASP B 274 9.48 -37.43 13.75
C ASP B 274 9.75 -37.88 12.32
N GLN B 275 8.70 -37.96 11.50
CA GLN B 275 8.81 -38.41 10.13
C GLN B 275 7.76 -37.71 9.29
N GLU B 276 8.08 -37.50 8.01
CA GLU B 276 7.16 -36.86 7.09
C GLU B 276 5.92 -37.72 6.88
N LEU B 277 4.77 -37.05 6.72
CA LEU B 277 3.50 -37.72 6.51
C LEU B 277 2.96 -37.54 5.11
N MET B 278 2.80 -36.30 4.65
CA MET B 278 2.28 -36.04 3.31
C MET B 278 3.00 -34.84 2.72
N THR B 279 2.93 -34.75 1.38
CA THR B 279 3.46 -33.61 0.64
C THR B 279 2.43 -33.17 -0.38
N TYR B 280 2.28 -31.85 -0.53
CA TYR B 280 1.28 -31.26 -1.41
C TYR B 280 2.03 -30.57 -2.55
N SER B 281 2.30 -31.32 -3.62
CA SER B 281 3.03 -30.80 -4.76
C SER B 281 2.27 -31.09 -6.04
N HIS B 282 2.31 -30.14 -6.97
CA HIS B 282 1.69 -30.26 -8.27
C HIS B 282 2.72 -29.98 -9.36
N ASP B 283 2.49 -30.58 -10.53
CA ASP B 283 3.39 -30.39 -11.66
C ASP B 283 3.08 -29.13 -12.46
N ASN B 284 2.04 -28.39 -12.09
CA ASN B 284 1.66 -27.16 -12.78
C ASN B 284 2.16 -25.93 -12.05
N ILE B 285 2.84 -26.10 -10.92
CA ILE B 285 3.36 -24.99 -10.12
C ILE B 285 4.88 -25.14 -10.03
N ILE B 286 5.60 -24.07 -10.39
CA ILE B 286 7.05 -24.06 -10.32
C ILE B 286 7.50 -22.84 -9.54
N CYS B 287 6.61 -22.30 -8.70
CA CYS B 287 6.86 -21.09 -7.95
C CYS B 287 6.89 -21.39 -6.46
N GLY B 288 7.58 -20.54 -5.71
CA GLY B 288 7.76 -20.77 -4.29
C GLY B 288 6.54 -20.45 -3.46
N ILE B 289 6.67 -20.71 -2.16
CA ILE B 289 5.61 -20.49 -1.18
C ILE B 289 6.10 -19.43 -0.20
N THR B 290 5.22 -18.49 0.16
CA THR B 290 5.56 -17.41 1.08
C THR B 290 4.90 -17.58 2.45
N SER B 291 3.64 -18.00 2.48
CA SER B 291 2.91 -18.13 3.74
C SER B 291 2.11 -19.43 3.74
N VAL B 292 1.98 -20.03 4.91
CA VAL B 292 1.22 -21.27 5.09
C VAL B 292 0.36 -21.13 6.34
N SER B 293 -0.93 -21.40 6.20
CA SER B 293 -1.85 -21.31 7.33
C SER B 293 -2.87 -22.44 7.24
N PHE B 294 -3.36 -22.85 8.40
CA PHE B 294 -4.34 -23.91 8.52
C PHE B 294 -5.75 -23.30 8.62
N SER B 295 -6.73 -24.14 8.95
CA SER B 295 -8.11 -23.73 9.14
C SER B 295 -8.47 -23.86 10.62
N LYS B 296 -9.74 -23.61 10.93
CA LYS B 296 -10.20 -23.71 12.31
C LYS B 296 -10.17 -25.16 12.79
N SER B 297 -10.50 -26.10 11.92
CA SER B 297 -10.54 -27.52 12.28
C SER B 297 -9.36 -28.30 11.71
N GLY B 298 -8.44 -27.63 11.02
CA GLY B 298 -7.30 -28.32 10.44
C GLY B 298 -7.63 -29.20 9.27
N ARG B 299 -8.55 -28.76 8.41
CA ARG B 299 -8.92 -29.51 7.21
C ARG B 299 -8.52 -28.82 5.92
N LEU B 300 -8.45 -27.49 5.90
CA LEU B 300 -8.04 -26.74 4.73
C LEU B 300 -6.70 -26.07 5.00
N LEU B 301 -5.73 -26.33 4.14
CA LEU B 301 -4.38 -25.80 4.28
C LEU B 301 -4.17 -24.73 3.23
N LEU B 302 -4.37 -23.47 3.62
CA LEU B 302 -4.15 -22.36 2.70
C LEU B 302 -2.66 -22.12 2.52
N ALA B 303 -2.23 -22.00 1.26
CA ALA B 303 -0.84 -21.75 0.93
C ALA B 303 -0.76 -20.60 -0.06
N GLY B 304 0.16 -19.68 0.18
CA GLY B 304 0.31 -18.53 -0.70
C GLY B 304 1.52 -18.60 -1.60
N TYR B 305 1.29 -18.91 -2.87
CA TYR B 305 2.37 -18.98 -3.85
C TYR B 305 2.62 -17.61 -4.45
N ASP B 306 3.87 -17.38 -4.87
CA ASP B 306 4.27 -16.11 -5.44
C ASP B 306 4.00 -16.02 -6.94
N ASP B 307 3.05 -16.80 -7.45
CA ASP B 307 2.61 -16.71 -8.84
C ASP B 307 1.30 -15.94 -8.97
N PHE B 308 1.13 -14.90 -8.15
CA PHE B 308 0.03 -13.94 -8.14
C PHE B 308 -1.29 -14.50 -7.60
N ASN B 309 -1.29 -15.69 -7.01
CA ASN B 309 -2.52 -16.25 -6.46
C ASN B 309 -2.18 -17.24 -5.36
N CYS B 310 -3.20 -17.62 -4.60
CA CYS B 310 -3.07 -18.54 -3.47
C CYS B 310 -3.68 -19.88 -3.83
N ASN B 311 -3.72 -20.77 -2.83
CA ASN B 311 -4.29 -22.10 -3.01
C ASN B 311 -4.97 -22.53 -1.73
N VAL B 312 -5.89 -23.48 -1.87
CA VAL B 312 -6.72 -23.94 -0.77
C VAL B 312 -6.51 -25.45 -0.58
N TRP B 313 -5.26 -25.89 -0.79
CA TRP B 313 -4.87 -27.29 -0.68
C TRP B 313 -5.57 -28.01 0.46
N ASP B 314 -6.15 -29.17 0.15
CA ASP B 314 -6.77 -30.00 1.17
C ASP B 314 -5.70 -30.64 2.04
N ALA B 315 -6.00 -30.83 3.33
CA ALA B 315 -4.99 -31.33 4.25
C ALA B 315 -4.86 -32.85 4.19
N LEU B 316 -5.99 -33.56 4.10
CA LEU B 316 -5.97 -35.02 4.18
C LEU B 316 -6.00 -35.70 2.83
N LYS B 317 -6.20 -34.96 1.74
CA LYS B 317 -6.29 -35.56 0.41
C LYS B 317 -5.21 -35.08 -0.55
N ALA B 318 -4.49 -34.00 -0.23
CA ALA B 318 -3.43 -33.45 -1.07
C ALA B 318 -3.95 -33.08 -2.46
N ASP B 319 -5.23 -32.71 -2.55
CA ASP B 319 -5.84 -32.32 -3.81
C ASP B 319 -6.28 -30.86 -3.71
N ARG B 320 -5.96 -30.08 -4.73
CA ARG B 320 -6.37 -28.68 -4.74
C ARG B 320 -7.89 -28.57 -4.79
N ALA B 321 -8.44 -27.67 -3.99
CA ALA B 321 -9.89 -27.52 -3.88
C ALA B 321 -10.30 -26.05 -3.88
N GLY B 322 -9.54 -25.19 -4.57
CA GLY B 322 -9.89 -23.79 -4.63
C GLY B 322 -8.70 -22.90 -4.93
N VAL B 323 -8.95 -21.74 -5.54
CA VAL B 323 -7.91 -20.79 -5.89
C VAL B 323 -8.42 -19.39 -5.61
N LEU B 324 -7.68 -18.64 -4.79
CA LEU B 324 -8.02 -17.25 -4.47
C LEU B 324 -7.18 -16.35 -5.36
N ALA B 325 -7.57 -16.27 -6.64
CA ALA B 325 -6.77 -15.60 -7.65
C ALA B 325 -6.99 -14.09 -7.70
N GLY B 326 -7.74 -13.53 -6.75
CA GLY B 326 -8.02 -12.10 -6.79
C GLY B 326 -6.90 -11.23 -6.26
N HIS B 327 -5.71 -11.33 -6.84
CA HIS B 327 -4.58 -10.50 -6.44
C HIS B 327 -3.81 -10.06 -7.68
N ASP B 328 -3.08 -8.96 -7.53
CA ASP B 328 -2.37 -8.35 -8.64
C ASP B 328 -0.87 -8.57 -8.60
N ASN B 329 -0.29 -8.89 -7.44
CA ASN B 329 1.14 -9.13 -7.32
C ASN B 329 1.36 -10.33 -6.40
N ARG B 330 2.62 -10.59 -6.08
CA ARG B 330 2.97 -11.71 -5.23
C ARG B 330 2.38 -11.53 -3.84
N VAL B 331 1.65 -12.54 -3.38
CA VAL B 331 1.09 -12.51 -2.02
C VAL B 331 2.23 -12.76 -1.03
N SER B 332 2.38 -11.87 -0.06
CA SER B 332 3.47 -11.95 0.89
C SER B 332 3.02 -12.38 2.28
N CYS B 333 1.74 -12.30 2.60
CA CYS B 333 1.27 -12.75 3.90
C CYS B 333 -0.18 -13.18 3.80
N LEU B 334 -0.55 -14.16 4.61
CA LEU B 334 -1.95 -14.57 4.72
C LEU B 334 -2.16 -15.16 6.10
N GLY B 335 -3.33 -14.89 6.67
CA GLY B 335 -3.65 -15.36 8.00
C GLY B 335 -5.12 -15.64 8.22
N VAL B 336 -5.42 -16.77 8.84
CA VAL B 336 -6.78 -17.12 9.21
C VAL B 336 -7.05 -16.59 10.61
N THR B 337 -8.26 -16.13 10.84
CA THR B 337 -8.61 -15.59 12.15
C THR B 337 -8.72 -16.69 13.19
N ASP B 338 -8.98 -16.29 14.44
CA ASP B 338 -9.00 -17.24 15.53
C ASP B 338 -10.19 -18.19 15.43
N ASP B 339 -11.38 -17.65 15.14
CA ASP B 339 -12.58 -18.47 15.02
C ASP B 339 -12.80 -19.04 13.63
N GLY B 340 -11.88 -18.79 12.69
CA GLY B 340 -11.99 -19.35 11.37
C GLY B 340 -13.10 -18.78 10.52
N MET B 341 -13.54 -17.55 10.80
CA MET B 341 -14.63 -16.96 10.04
C MET B 341 -14.17 -16.44 8.68
N ALA B 342 -12.96 -15.88 8.61
CA ALA B 342 -12.47 -15.31 7.37
C ALA B 342 -10.94 -15.40 7.36
N VAL B 343 -10.36 -15.12 6.19
CA VAL B 343 -8.92 -15.11 6.01
C VAL B 343 -8.50 -13.79 5.38
N ALA B 344 -7.35 -13.28 5.79
CA ALA B 344 -6.83 -12.03 5.25
C ALA B 344 -5.57 -12.30 4.45
N THR B 345 -5.48 -11.69 3.27
CA THR B 345 -4.32 -11.86 2.40
C THR B 345 -3.76 -10.49 2.03
N GLY B 346 -2.46 -10.33 2.17
CA GLY B 346 -1.76 -9.11 1.79
C GLY B 346 -0.62 -9.39 0.83
N SER B 347 -0.60 -8.67 -0.28
CA SER B 347 0.36 -8.87 -1.36
C SER B 347 1.19 -7.59 -1.54
N TRP B 348 2.03 -7.59 -2.58
CA TRP B 348 2.92 -6.48 -2.86
C TRP B 348 2.24 -5.35 -3.61
N ASP B 349 0.93 -5.43 -3.84
CA ASP B 349 0.19 -4.37 -4.51
C ASP B 349 -0.48 -3.41 -3.54
N SER B 350 -0.07 -3.43 -2.27
CA SER B 350 -0.57 -2.51 -1.23
C SER B 350 -2.06 -2.67 -0.97
N PHE B 351 -2.59 -3.88 -1.15
CA PHE B 351 -4.02 -4.14 -0.99
C PHE B 351 -4.22 -5.38 -0.15
N LEU B 352 -4.83 -5.21 1.02
CA LEU B 352 -5.30 -6.34 1.81
C LEU B 352 -6.69 -6.74 1.35
N LYS B 353 -6.98 -8.04 1.40
CA LYS B 353 -8.28 -8.55 1.00
C LYS B 353 -8.76 -9.59 2.01
N ILE B 354 -10.04 -9.52 2.34
CA ILE B 354 -10.68 -10.44 3.26
C ILE B 354 -11.54 -11.41 2.45
N TRP B 355 -11.38 -12.70 2.71
CA TRP B 355 -12.10 -13.75 2.02
C TRP B 355 -12.92 -14.53 3.03
N ASN B 356 -14.17 -14.82 2.67
CA ASN B 356 -15.08 -15.54 3.55
C ASN B 356 -16.07 -16.36 2.73
N THR C 6 43.78 -26.53 17.32
CA THR C 6 42.51 -26.98 16.75
C THR C 6 41.36 -26.71 17.71
N ALA C 7 40.22 -26.29 17.14
CA ALA C 7 39.02 -26.00 17.92
C ALA C 7 37.77 -26.69 17.39
N SER C 8 37.85 -27.38 16.25
CA SER C 8 36.69 -28.08 15.70
C SER C 8 36.31 -29.29 16.53
N ILE C 9 37.16 -29.72 17.47
CA ILE C 9 36.81 -30.82 18.37
C ILE C 9 35.54 -30.47 19.13
N ALA C 10 35.44 -29.22 19.60
CA ALA C 10 34.28 -28.80 20.37
C ALA C 10 33.01 -28.88 19.53
N GLN C 11 33.06 -28.38 18.30
CA GLN C 11 31.89 -28.43 17.43
C GLN C 11 31.50 -29.87 17.09
N ALA C 12 32.50 -30.73 16.84
CA ALA C 12 32.19 -32.13 16.53
C ALA C 12 31.53 -32.82 17.71
N ARG C 13 32.03 -32.60 18.92
CA ARG C 13 31.42 -33.25 20.07
C ARG C 13 30.06 -32.64 20.41
N LYS C 14 29.89 -31.34 20.15
CA LYS C 14 28.55 -30.75 20.24
C LYS C 14 27.57 -31.49 19.33
N LEU C 15 27.96 -31.68 18.07
CA LEU C 15 27.09 -32.37 17.12
C LEU C 15 26.80 -33.79 17.57
N VAL C 16 27.82 -34.51 18.05
CA VAL C 16 27.61 -35.91 18.40
C VAL C 16 26.75 -36.03 19.66
N GLU C 17 26.91 -35.10 20.61
CA GLU C 17 26.07 -35.12 21.80
C GLU C 17 24.62 -34.80 21.46
N GLN C 18 24.40 -33.81 20.59
CA GLN C 18 23.04 -33.52 20.16
C GLN C 18 22.41 -34.72 19.47
N LEU C 19 23.17 -35.39 18.60
CA LEU C 19 22.64 -36.55 17.89
C LEU C 19 22.33 -37.69 18.84
N LYS C 20 23.22 -37.95 19.81
CA LYS C 20 23.00 -39.08 20.70
C LYS C 20 21.86 -38.81 21.68
N MET C 21 21.65 -37.55 22.06
CA MET C 21 20.52 -37.25 22.93
C MET C 21 19.21 -37.25 22.15
N GLU C 22 19.26 -36.93 20.86
CA GLU C 22 18.06 -37.00 20.04
C GLU C 22 17.70 -38.44 19.69
N ALA C 23 18.70 -39.32 19.56
CA ALA C 23 18.46 -40.70 19.13
C ALA C 23 17.68 -41.52 20.15
N ASN C 24 17.59 -41.07 21.41
CA ASN C 24 16.90 -41.82 22.44
C ASN C 24 15.44 -41.39 22.61
N ILE C 25 14.91 -40.59 21.67
CA ILE C 25 13.51 -40.19 21.77
C ILE C 25 12.62 -41.36 21.35
N ASP C 26 11.42 -41.40 21.93
CA ASP C 26 10.46 -42.46 21.67
C ASP C 26 9.71 -42.20 20.37
N ARG C 27 9.30 -43.28 19.72
CA ARG C 27 8.60 -43.21 18.44
C ARG C 27 7.23 -43.85 18.56
N ILE C 28 6.32 -43.45 17.67
CA ILE C 28 4.97 -43.98 17.61
C ILE C 28 4.68 -44.36 16.16
N LYS C 29 3.79 -45.32 15.97
CA LYS C 29 3.45 -45.77 14.62
C LYS C 29 2.73 -44.66 13.84
N VAL C 30 2.89 -44.69 12.52
CA VAL C 30 2.28 -43.68 11.67
C VAL C 30 0.78 -43.86 11.61
N SER C 31 0.31 -45.11 11.74
CA SER C 31 -1.12 -45.37 11.69
C SER C 31 -1.85 -44.69 12.85
N LYS C 32 -1.24 -44.69 14.03
CA LYS C 32 -1.87 -44.05 15.18
C LYS C 32 -1.96 -42.54 15.00
N ALA C 33 -0.89 -41.92 14.51
CA ALA C 33 -0.93 -40.48 14.26
C ALA C 33 -1.94 -40.13 13.18
N ALA C 34 -2.03 -40.97 12.14
CA ALA C 34 -3.02 -40.74 11.10
C ALA C 34 -4.43 -40.83 11.64
N ALA C 35 -4.70 -41.84 12.47
CA ALA C 35 -6.03 -41.99 13.05
C ALA C 35 -6.37 -40.82 13.97
N ASP C 36 -5.37 -40.35 14.75
CA ASP C 36 -5.60 -39.21 15.62
C ASP C 36 -5.91 -37.95 14.81
N LEU C 37 -5.16 -37.72 13.73
CA LEU C 37 -5.44 -36.56 12.88
C LEU C 37 -6.81 -36.65 12.25
N MET C 38 -7.20 -37.83 11.77
CA MET C 38 -8.52 -38.01 11.19
C MET C 38 -9.61 -37.75 12.22
N ALA C 39 -9.46 -38.29 13.42
CA ALA C 39 -10.47 -38.08 14.46
C ALA C 39 -10.57 -36.61 14.84
N TYR C 40 -9.44 -35.91 14.93
CA TYR C 40 -9.49 -34.50 15.31
C TYR C 40 -10.10 -33.64 14.23
N CYS C 41 -9.81 -33.94 12.96
CA CYS C 41 -10.35 -33.11 11.89
C CYS C 41 -11.83 -33.40 11.65
N GLU C 42 -12.28 -34.64 11.94
CA GLU C 42 -13.69 -34.96 11.74
C GLU C 42 -14.53 -34.65 12.96
N ALA C 43 -13.91 -34.47 14.12
CA ALA C 43 -14.68 -34.16 15.33
C ALA C 43 -15.07 -32.69 15.38
N HIS C 44 -14.17 -31.81 14.96
CA HIS C 44 -14.41 -30.36 14.97
C HIS C 44 -14.80 -29.83 13.60
N ALA C 45 -15.33 -30.70 12.73
CA ALA C 45 -15.68 -30.25 11.38
C ALA C 45 -16.95 -29.42 11.38
N LYS C 46 -17.77 -29.55 12.42
CA LYS C 46 -19.03 -28.80 12.48
C LYS C 46 -18.78 -27.32 12.75
N GLU C 47 -17.79 -27.02 13.61
CA GLU C 47 -17.55 -25.63 13.98
C GLU C 47 -16.85 -24.86 12.88
N ASP C 48 -16.17 -25.56 11.97
CA ASP C 48 -15.39 -24.93 10.90
C ASP C 48 -16.31 -24.16 9.95
N PRO C 49 -16.16 -22.82 9.88
CA PRO C 49 -17.03 -22.07 8.98
C PRO C 49 -16.59 -22.12 7.52
N LEU C 50 -15.30 -22.31 7.25
CA LEU C 50 -14.84 -22.31 5.87
C LEU C 50 -15.18 -23.62 5.17
N LEU C 51 -15.29 -24.71 5.92
CA LEU C 51 -15.59 -26.00 5.31
C LEU C 51 -17.02 -26.05 4.81
N THR C 52 -17.97 -25.64 5.64
CA THR C 52 -19.38 -25.52 5.25
C THR C 52 -19.77 -24.06 5.35
N PRO C 53 -20.18 -23.44 4.24
CA PRO C 53 -20.43 -21.99 4.25
C PRO C 53 -21.53 -21.61 5.24
N VAL C 54 -21.21 -20.65 6.11
CA VAL C 54 -22.14 -20.16 7.12
C VAL C 54 -23.23 -19.35 6.42
N PRO C 55 -24.48 -19.42 6.88
CA PRO C 55 -25.53 -18.60 6.26
C PRO C 55 -25.25 -17.12 6.41
N ALA C 56 -25.82 -16.33 5.48
CA ALA C 56 -25.55 -14.90 5.47
C ALA C 56 -26.19 -14.19 6.67
N SER C 57 -27.14 -14.85 7.34
CA SER C 57 -27.75 -14.24 8.53
C SER C 57 -26.73 -14.10 9.66
N GLU C 58 -25.85 -15.08 9.81
CA GLU C 58 -24.84 -15.08 10.85
C GLU C 58 -23.46 -14.65 10.35
N ASN C 59 -23.34 -14.38 9.05
CA ASN C 59 -22.07 -14.00 8.46
C ASN C 59 -21.72 -12.58 8.87
N PRO C 60 -20.63 -12.36 9.61
CA PRO C 60 -20.30 -10.98 10.01
C PRO C 60 -19.83 -10.12 8.86
N PHE C 61 -19.10 -10.69 7.91
CA PHE C 61 -18.56 -9.95 6.76
C PHE C 61 -19.56 -9.88 5.61
N ARG C 62 -20.77 -9.40 5.88
CA ARG C 62 -21.76 -9.25 4.82
C ARG C 62 -21.46 -8.03 3.96
N GLU C 63 -21.92 -8.08 2.71
CA GLU C 63 -21.71 -6.97 1.78
C GLU C 63 -22.96 -6.71 0.95
N TYR D 206 -39.21 18.57 -47.12
CA TYR D 206 -38.34 17.63 -47.81
C TYR D 206 -38.03 18.11 -49.22
N ASP D 207 -38.86 19.02 -49.72
CA ASP D 207 -38.64 19.58 -51.05
C ASP D 207 -37.43 20.49 -51.07
N ILE D 208 -36.95 20.89 -49.89
CA ILE D 208 -35.76 21.72 -49.80
C ILE D 208 -34.55 20.97 -50.34
N ILE D 209 -34.51 19.65 -50.13
CA ILE D 209 -33.37 18.85 -50.55
C ILE D 209 -33.20 18.91 -52.07
N VAL D 210 -34.29 18.76 -52.82
CA VAL D 210 -34.16 18.71 -54.28
C VAL D 210 -33.85 20.10 -54.85
N ARG D 211 -34.43 21.15 -54.27
CA ARG D 211 -34.20 22.48 -54.80
C ARG D 211 -32.80 22.97 -54.51
N HIS D 212 -32.27 22.67 -53.31
CA HIS D 212 -30.89 23.05 -53.00
C HIS D 212 -29.90 22.29 -53.87
N TYR D 213 -30.19 21.02 -54.14
CA TYR D 213 -29.30 20.23 -55.00
C TYR D 213 -29.38 20.69 -56.45
N ASN D 214 -30.55 21.17 -56.88
CA ASN D 214 -30.68 21.70 -58.23
C ASN D 214 -29.96 23.04 -58.36
N TYR D 215 -30.02 23.87 -57.32
CA TYR D 215 -29.34 25.16 -57.37
C TYR D 215 -27.84 25.00 -57.30
N THR D 216 -27.36 24.13 -56.41
CA THR D 216 -25.91 23.92 -56.28
C THR D 216 -25.35 23.21 -57.50
N GLY D 217 -26.06 22.22 -58.04
CA GLY D 217 -25.60 21.49 -59.19
C GLY D 217 -25.35 20.01 -58.96
N LYS D 218 -25.69 19.48 -57.80
CA LYS D 218 -25.49 18.07 -57.49
C LYS D 218 -26.74 17.28 -57.88
N LEU D 219 -26.69 16.60 -59.02
CA LEU D 219 -27.81 15.80 -59.49
C LEU D 219 -27.33 14.47 -60.07
N THR D 232 -15.43 2.92 -57.03
CA THR D 232 -14.87 4.13 -56.42
C THR D 232 -15.34 4.28 -54.98
N SER D 233 -16.34 3.50 -54.59
CA SER D 233 -16.89 3.56 -53.25
C SER D 233 -16.94 2.18 -52.58
N VAL D 234 -16.02 1.29 -52.91
CA VAL D 234 -16.00 -0.06 -52.36
C VAL D 234 -14.82 -0.26 -51.42
N VAL D 235 -13.66 0.31 -51.73
CA VAL D 235 -12.50 0.15 -50.86
C VAL D 235 -12.65 0.99 -49.60
N PHE D 236 -13.56 1.97 -49.60
CA PHE D 236 -13.75 2.81 -48.43
C PHE D 236 -14.31 2.02 -47.25
N ILE D 237 -15.28 1.15 -47.52
CA ILE D 237 -15.81 0.29 -46.46
C ILE D 237 -14.74 -0.68 -45.97
N LEU D 238 -13.87 -1.13 -46.89
CA LEU D 238 -12.79 -2.03 -46.49
C LEU D 238 -11.81 -1.36 -45.55
N ILE D 239 -11.37 -0.14 -45.89
CA ILE D 239 -10.44 0.56 -45.02
C ILE D 239 -11.12 0.97 -43.72
N CYS D 240 -12.43 1.23 -43.76
CA CYS D 240 -13.15 1.53 -42.52
C CYS D 240 -13.19 0.31 -41.61
N CYS D 241 -13.41 -0.87 -42.18
CA CYS D 241 -13.40 -2.09 -41.38
C CYS D 241 -12.01 -2.37 -40.83
N PHE D 242 -10.98 -2.08 -41.62
CA PHE D 242 -9.61 -2.25 -41.13
C PHE D 242 -9.32 -1.30 -39.98
N ILE D 243 -9.78 -0.04 -40.08
CA ILE D 243 -9.60 0.92 -39.00
C ILE D 243 -10.35 0.45 -37.75
N ILE D 244 -11.58 -0.05 -37.93
CA ILE D 244 -12.37 -0.55 -36.81
C ILE D 244 -11.64 -1.70 -36.13
N LEU D 245 -11.08 -2.62 -36.92
CA LEU D 245 -10.34 -3.74 -36.36
C LEU D 245 -9.14 -3.27 -35.55
N GLU D 246 -8.34 -2.37 -36.13
CA GLU D 246 -7.17 -1.84 -35.41
C GLU D 246 -7.59 -1.20 -34.09
N ASN D 247 -8.67 -0.41 -34.13
CA ASN D 247 -9.08 0.32 -32.93
C ASN D 247 -9.60 -0.61 -31.85
N ILE D 248 -10.44 -1.58 -32.22
CA ILE D 248 -10.97 -2.50 -31.21
C ILE D 248 -9.84 -3.36 -30.66
N PHE D 249 -8.83 -3.67 -31.49
CA PHE D 249 -7.68 -4.44 -31.00
C PHE D 249 -6.89 -3.64 -29.98
N VAL D 250 -6.62 -2.37 -30.28
CA VAL D 250 -5.91 -1.51 -29.32
C VAL D 250 -6.71 -1.38 -28.03
N LEU D 251 -8.03 -1.22 -28.14
CA LEU D 251 -8.87 -1.10 -26.96
C LEU D 251 -8.81 -2.35 -26.09
N LEU D 252 -8.94 -3.53 -26.71
CA LEU D 252 -8.92 -4.75 -25.92
C LEU D 252 -7.53 -5.01 -25.35
N THR D 253 -6.48 -4.58 -26.06
CA THR D 253 -5.12 -4.74 -25.53
C THR D 253 -4.91 -3.86 -24.32
N ILE D 254 -5.46 -2.64 -24.34
CA ILE D 254 -5.32 -1.75 -23.19
C ILE D 254 -6.16 -2.26 -22.02
N TRP D 255 -7.34 -2.81 -22.31
CA TRP D 255 -8.24 -3.21 -21.23
C TRP D 255 -7.75 -4.46 -20.50
N LYS D 256 -7.28 -5.46 -21.26
CA LYS D 256 -6.98 -6.75 -20.65
C LYS D 256 -5.72 -6.70 -19.81
N THR D 257 -4.84 -5.74 -20.08
CA THR D 257 -3.58 -5.63 -19.35
C THR D 257 -3.73 -4.68 -18.17
N LYS D 258 -3.41 -5.17 -16.97
CA LYS D 258 -3.51 -4.33 -15.78
C LYS D 258 -2.38 -3.31 -15.71
N LYS D 259 -1.24 -3.60 -16.33
CA LYS D 259 -0.12 -2.67 -16.29
C LYS D 259 -0.45 -1.36 -16.99
N PHE D 260 -1.23 -1.42 -18.08
CA PHE D 260 -1.65 -0.23 -18.81
C PHE D 260 -2.92 0.33 -18.17
N HIS D 261 -2.74 0.98 -17.02
CA HIS D 261 -3.85 1.55 -16.29
C HIS D 261 -3.60 2.96 -15.75
N ARG D 262 -2.41 3.52 -15.96
CA ARG D 262 -2.15 4.86 -15.50
C ARG D 262 -2.84 5.87 -16.41
N PRO D 263 -3.06 7.10 -15.93
CA PRO D 263 -3.81 8.08 -16.73
C PRO D 263 -3.23 8.36 -18.10
N MET D 264 -1.95 8.03 -18.35
CA MET D 264 -1.38 8.25 -19.67
C MET D 264 -2.01 7.34 -20.72
N TYR D 265 -2.21 6.07 -20.40
CA TYR D 265 -2.75 5.11 -21.36
C TYR D 265 -4.27 5.20 -21.49
N TYR D 266 -4.91 6.17 -20.87
CA TYR D 266 -6.34 6.38 -21.05
C TYR D 266 -6.65 7.34 -22.19
N PHE D 267 -5.77 8.33 -22.42
CA PHE D 267 -5.96 9.23 -23.56
C PHE D 267 -5.84 8.48 -24.87
N ILE D 268 -4.96 7.49 -24.94
CA ILE D 268 -4.83 6.69 -26.16
C ILE D 268 -6.10 5.88 -26.40
N GLY D 269 -6.67 5.31 -25.34
CA GLY D 269 -7.94 4.61 -25.48
C GLY D 269 -9.07 5.53 -25.89
N ASN D 270 -9.07 6.76 -25.36
CA ASN D 270 -10.07 7.74 -25.77
C ASN D 270 -9.94 8.08 -27.25
N LEU D 271 -8.71 8.25 -27.73
CA LEU D 271 -8.50 8.52 -29.14
C LEU D 271 -8.93 7.33 -30.00
N ALA D 272 -8.66 6.11 -29.53
CA ALA D 272 -9.08 4.93 -30.27
C ALA D 272 -10.59 4.83 -30.35
N LEU D 273 -11.28 5.09 -29.24
CA LEU D 273 -12.74 5.11 -29.27
C LEU D 273 -13.26 6.20 -30.21
N SER D 274 -12.63 7.37 -30.19
CA SER D 274 -13.07 8.48 -31.02
C SER D 274 -12.94 8.14 -32.50
N ASP D 275 -11.78 7.63 -32.92
CA ASP D 275 -11.63 7.31 -34.33
C ASP D 275 -12.36 6.04 -34.74
N LEU D 276 -12.67 5.14 -33.79
CA LEU D 276 -13.59 4.04 -34.09
C LEU D 276 -14.98 4.56 -34.41
N LEU D 277 -15.49 5.46 -33.56
CA LEU D 277 -16.76 6.11 -33.85
C LEU D 277 -16.69 6.87 -35.18
N ALA D 278 -15.52 7.43 -35.50
CA ALA D 278 -15.36 8.13 -36.77
C ALA D 278 -15.50 7.18 -37.95
N GLY D 279 -14.82 6.03 -37.89
CA GLY D 279 -14.96 5.05 -38.95
C GLY D 279 -16.39 4.55 -39.10
N VAL D 280 -17.06 4.31 -37.97
CA VAL D 280 -18.46 3.84 -38.03
C VAL D 280 -19.35 4.91 -38.64
N ALA D 281 -19.20 6.16 -38.20
CA ALA D 281 -20.01 7.25 -38.74
C ALA D 281 -19.75 7.44 -40.23
N TYR D 282 -18.50 7.30 -40.67
CA TYR D 282 -18.20 7.47 -42.08
C TYR D 282 -18.79 6.35 -42.92
N THR D 283 -18.64 5.10 -42.48
CA THR D 283 -19.19 4.00 -43.27
C THR D 283 -20.72 4.09 -43.32
N ALA D 284 -21.34 4.52 -42.22
CA ALA D 284 -22.80 4.70 -42.24
C ALA D 284 -23.20 5.83 -43.18
N ASN D 285 -22.50 6.96 -43.10
CA ASN D 285 -22.80 8.08 -43.99
C ASN D 285 -22.64 7.69 -45.45
N LEU D 286 -21.62 6.89 -45.76
CA LEU D 286 -21.36 6.54 -47.15
C LEU D 286 -22.35 5.50 -47.66
N LEU D 287 -22.77 4.55 -46.81
CA LEU D 287 -23.67 3.52 -47.29
C LEU D 287 -25.11 4.03 -47.37
N LEU D 288 -25.52 4.88 -46.42
CA LEU D 288 -26.87 5.43 -46.49
C LEU D 288 -27.01 6.47 -47.59
N SER D 289 -25.94 7.19 -47.93
CA SER D 289 -26.04 8.21 -48.96
C SER D 289 -26.06 7.59 -50.35
N GLY D 290 -26.41 8.41 -51.33
CA GLY D 290 -26.50 7.96 -52.71
C GLY D 290 -27.78 8.40 -53.39
N ALA D 291 -28.46 7.47 -54.05
CA ALA D 291 -29.74 7.77 -54.69
C ALA D 291 -30.87 7.95 -53.70
N THR D 292 -30.64 7.74 -52.42
CA THR D 292 -31.66 7.89 -51.39
C THR D 292 -31.63 9.26 -50.72
N THR D 293 -30.72 10.15 -51.14
CA THR D 293 -30.64 11.46 -50.52
C THR D 293 -31.83 12.34 -50.90
N TYR D 294 -32.47 12.03 -52.03
CA TYR D 294 -33.63 12.82 -52.46
C TYR D 294 -34.85 12.50 -51.60
N LYS D 295 -35.11 11.21 -51.35
CA LYS D 295 -36.22 10.84 -50.49
C LYS D 295 -35.92 11.12 -49.03
N LEU D 296 -34.64 11.36 -48.72
CA LEU D 296 -34.23 11.57 -47.34
C LEU D 296 -34.82 12.86 -46.77
N THR D 297 -35.26 12.79 -45.52
CA THR D 297 -35.82 13.97 -44.85
C THR D 297 -34.70 14.92 -44.43
N PRO D 298 -35.00 16.21 -44.32
CA PRO D 298 -33.95 17.16 -43.89
C PRO D 298 -33.41 16.87 -42.49
N ALA D 299 -34.24 16.40 -41.57
CA ALA D 299 -33.78 16.12 -40.21
C ALA D 299 -32.76 15.01 -40.19
N GLN D 300 -33.00 13.92 -40.92
CA GLN D 300 -32.04 12.82 -40.95
C GLN D 300 -30.73 13.24 -41.62
N TRP D 301 -30.82 14.05 -42.69
CA TRP D 301 -29.62 14.57 -43.32
C TRP D 301 -28.81 15.43 -42.36
N PHE D 302 -29.49 16.31 -41.61
CA PHE D 302 -28.81 17.14 -40.62
C PHE D 302 -28.16 16.29 -39.55
N LEU D 303 -28.86 15.27 -39.05
CA LEU D 303 -28.30 14.41 -38.02
C LEU D 303 -27.10 13.63 -38.55
N ARG D 304 -27.15 13.22 -39.82
CA ARG D 304 -26.03 12.50 -40.41
C ARG D 304 -24.81 13.40 -40.54
N GLU D 305 -25.01 14.63 -41.01
CA GLU D 305 -23.90 15.57 -41.10
C GLU D 305 -23.33 15.89 -39.72
N GLY D 306 -24.19 16.00 -38.72
CA GLY D 306 -23.71 16.24 -37.36
C GLY D 306 -22.90 15.08 -36.82
N SER D 307 -23.36 13.84 -37.08
CA SER D 307 -22.60 12.68 -36.65
C SER D 307 -21.27 12.59 -37.37
N MET D 308 -21.22 13.03 -38.63
CA MET D 308 -19.95 13.08 -39.34
C MET D 308 -19.01 14.12 -38.74
N PHE D 309 -19.54 15.28 -38.38
CA PHE D 309 -18.71 16.37 -37.86
C PHE D 309 -18.30 16.18 -36.40
N VAL D 310 -19.03 15.39 -35.63
CA VAL D 310 -18.70 15.23 -34.21
C VAL D 310 -17.45 14.40 -34.02
N ALA D 311 -17.32 13.30 -34.76
CA ALA D 311 -16.28 12.31 -34.48
C ALA D 311 -14.88 12.85 -34.80
N LEU D 312 -14.74 13.56 -35.93
CA LEU D 312 -13.43 14.10 -36.28
C LEU D 312 -13.01 15.17 -35.28
N SER D 313 -13.94 16.02 -34.86
CA SER D 313 -13.63 17.01 -33.83
C SER D 313 -13.22 16.34 -32.52
N ALA D 314 -13.91 15.26 -32.16
CA ALA D 314 -13.55 14.52 -30.95
C ALA D 314 -12.15 13.94 -31.06
N SER D 315 -11.80 13.42 -32.24
CA SER D 315 -10.46 12.88 -32.44
C SER D 315 -9.39 13.97 -32.31
N VAL D 316 -9.62 15.11 -32.95
CA VAL D 316 -8.64 16.20 -32.87
C VAL D 316 -8.50 16.70 -31.44
N PHE D 317 -9.62 16.80 -30.71
CA PHE D 317 -9.54 17.28 -29.33
C PHE D 317 -8.86 16.25 -28.44
N SER D 318 -9.05 14.96 -28.72
CA SER D 318 -8.36 13.94 -27.94
C SER D 318 -6.85 13.98 -28.20
N LEU D 319 -6.45 14.24 -29.44
CA LEU D 319 -5.03 14.39 -29.74
C LEU D 319 -4.45 15.62 -29.04
N LEU D 320 -5.23 16.71 -29.00
CA LEU D 320 -4.81 17.89 -28.26
C LEU D 320 -4.66 17.59 -26.77
N ALA D 321 -5.57 16.79 -26.21
CA ALA D 321 -5.46 16.40 -24.81
C ALA D 321 -4.22 15.56 -24.56
N ILE D 322 -3.91 14.65 -25.50
CA ILE D 322 -2.67 13.87 -25.40
C ILE D 322 -1.46 14.78 -25.35
N ALA D 323 -1.38 15.75 -26.27
CA ALA D 323 -0.24 16.65 -26.28
C ALA D 323 -0.16 17.49 -25.02
N ILE D 324 -1.31 17.97 -24.52
CA ILE D 324 -1.31 18.76 -23.29
C ILE D 324 -0.83 17.94 -22.11
N GLU D 325 -1.29 16.69 -22.00
CA GLU D 325 -0.87 15.84 -20.91
C GLU D 325 0.62 15.54 -20.98
N ARG D 326 1.13 15.29 -22.18
CA ARG D 326 2.57 15.05 -22.33
C ARG D 326 3.38 16.28 -21.94
N TYR D 327 2.94 17.47 -22.36
CA TYR D 327 3.66 18.69 -21.99
C TYR D 327 3.62 18.92 -20.49
N ILE D 328 2.47 18.63 -19.85
CA ILE D 328 2.36 18.81 -18.41
C ILE D 328 3.27 17.84 -17.68
N THR D 329 3.33 16.59 -18.14
CA THR D 329 4.17 15.59 -17.48
C THR D 329 5.65 15.88 -17.67
N MET D 330 6.03 16.45 -18.81
CA MET D 330 7.44 16.72 -19.09
C MET D 330 7.91 18.07 -18.56
N LEU D 331 6.99 19.00 -18.29
CA LEU D 331 7.41 20.33 -17.83
C LEU D 331 8.01 20.27 -16.43
N LYS D 332 7.37 19.54 -15.52
CA LYS D 332 7.84 19.40 -14.14
C LYS D 332 8.30 17.95 -13.95
N MET D 333 9.62 17.74 -13.98
CA MET D 333 10.15 16.40 -13.85
C MET D 333 9.95 15.86 -12.44
N LYS D 334 9.23 14.76 -12.34
CA LYS D 334 8.95 14.10 -11.07
C LYS D 334 9.37 12.64 -11.16
N LEU D 335 9.63 12.04 -10.00
CA LEU D 335 10.22 10.71 -9.97
C LEU D 335 9.19 9.62 -10.26
N HIS D 336 7.96 9.76 -9.77
CA HIS D 336 6.94 8.73 -9.91
C HIS D 336 5.85 9.21 -10.84
N ASN D 337 5.21 8.25 -11.52
CA ASN D 337 4.23 8.59 -12.56
C ASN D 337 2.86 8.86 -11.97
N GLY D 338 2.70 8.67 -10.66
CA GLY D 338 1.39 8.89 -10.05
C GLY D 338 0.95 10.33 -10.21
N SER D 339 -0.30 10.50 -10.64
CA SER D 339 -0.86 11.81 -10.90
C SER D 339 -2.34 11.80 -10.52
N ASN D 340 -2.97 12.98 -10.63
CA ASN D 340 -4.37 13.10 -10.26
C ASN D 340 -5.28 12.63 -11.38
N ASN D 341 -6.52 12.29 -11.03
CA ASN D 341 -7.53 11.92 -12.01
C ASN D 341 -8.40 13.10 -12.43
N PHE D 342 -8.34 14.21 -11.69
CA PHE D 342 -9.17 15.37 -11.99
C PHE D 342 -8.86 15.93 -13.37
N ARG D 343 -7.58 16.12 -13.67
CA ARG D 343 -7.20 16.67 -14.98
C ARG D 343 -7.62 15.73 -16.11
N LEU D 344 -7.42 14.42 -15.93
CA LEU D 344 -7.81 13.45 -16.95
C LEU D 344 -9.31 13.51 -17.22
N PHE D 345 -10.11 13.45 -16.15
CA PHE D 345 -11.55 13.47 -16.31
C PHE D 345 -12.03 14.78 -16.93
N LEU D 346 -11.45 15.91 -16.50
CA LEU D 346 -11.84 17.19 -17.05
C LEU D 346 -11.51 17.28 -18.53
N LEU D 347 -10.30 16.84 -18.92
CA LEU D 347 -9.92 16.89 -20.32
C LEU D 347 -10.82 16.01 -21.18
N ILE D 348 -11.09 14.78 -20.74
CA ILE D 348 -11.94 13.90 -21.53
C ILE D 348 -13.35 14.45 -21.66
N SER D 349 -13.93 14.90 -20.54
CA SER D 349 -15.28 15.44 -20.57
C SER D 349 -15.38 16.66 -21.47
N ALA D 350 -14.39 17.56 -21.39
CA ALA D 350 -14.42 18.76 -22.22
C ALA D 350 -14.25 18.41 -23.69
N CYS D 351 -13.29 17.53 -24.01
CA CYS D 351 -13.06 17.15 -25.40
C CYS D 351 -14.24 16.42 -26.01
N TRP D 352 -15.09 15.78 -25.19
CA TRP D 352 -16.30 15.19 -25.72
C TRP D 352 -17.45 16.18 -25.83
N VAL D 353 -17.68 17.01 -24.81
CA VAL D 353 -18.83 17.89 -24.83
C VAL D 353 -18.66 19.02 -25.84
N ILE D 354 -17.43 19.52 -26.04
CA ILE D 354 -17.22 20.56 -27.04
C ILE D 354 -17.50 20.02 -28.44
N SER D 355 -17.07 18.79 -28.69
CA SER D 355 -17.36 18.15 -29.98
C SER D 355 -18.86 17.97 -30.17
N LEU D 356 -19.55 17.47 -29.14
CA LEU D 356 -20.99 17.28 -29.25
C LEU D 356 -21.72 18.60 -29.49
N ILE D 357 -21.28 19.67 -28.81
CA ILE D 357 -21.92 20.97 -28.96
C ILE D 357 -21.68 21.53 -30.36
N LEU D 358 -20.44 21.42 -30.84
CA LEU D 358 -20.14 21.93 -32.18
C LEU D 358 -20.84 21.12 -33.25
N GLY D 359 -21.15 19.85 -32.96
CA GLY D 359 -21.87 19.04 -33.93
C GLY D 359 -23.37 19.31 -33.92
N GLY D 360 -23.93 19.56 -32.75
CA GLY D 360 -25.34 19.87 -32.62
C GLY D 360 -25.71 21.33 -32.73
N LEU D 361 -24.73 22.19 -32.95
CA LEU D 361 -25.00 23.61 -33.19
C LEU D 361 -25.69 23.87 -34.53
N PRO D 362 -25.22 23.30 -35.66
CA PRO D 362 -25.80 23.68 -36.95
C PRO D 362 -27.28 23.35 -37.10
N ILE D 363 -27.81 22.40 -36.31
CA ILE D 363 -29.23 22.09 -36.42
C ILE D 363 -30.06 23.12 -35.67
N MET D 364 -29.50 23.71 -34.62
CA MET D 364 -30.21 24.74 -33.88
C MET D 364 -30.25 26.06 -34.66
N GLY D 365 -29.08 26.56 -35.05
CA GLY D 365 -28.99 27.77 -35.84
C GLY D 365 -27.90 27.64 -36.87
N TRP D 366 -27.66 28.72 -37.63
CA TRP D 366 -26.69 28.73 -38.72
C TRP D 366 -26.92 27.56 -39.66
N ASN D 367 -28.19 27.40 -40.06
CA ASN D 367 -28.61 26.23 -40.83
C ASN D 367 -28.69 26.49 -42.33
N CYS D 368 -28.68 27.75 -42.76
CA CYS D 368 -28.78 28.10 -44.18
C CYS D 368 -30.06 27.55 -44.78
N ILE D 369 -31.11 27.47 -43.95
CA ILE D 369 -32.38 26.90 -44.42
C ILE D 369 -33.16 27.92 -45.23
N SER D 370 -32.84 29.21 -45.07
CA SER D 370 -33.57 30.28 -45.74
C SER D 370 -32.75 30.96 -46.82
N ALA D 371 -31.57 31.46 -46.49
CA ALA D 371 -30.72 32.14 -47.47
C ALA D 371 -30.10 31.12 -48.40
N LEU D 372 -30.60 31.07 -49.64
CA LEU D 372 -30.08 30.13 -50.62
C LEU D 372 -28.69 30.49 -51.12
N SER D 373 -28.35 31.78 -51.16
CA SER D 373 -27.05 32.19 -51.67
C SER D 373 -25.94 31.87 -50.67
N SER D 374 -26.25 31.93 -49.37
CA SER D 374 -25.24 31.73 -48.34
C SER D 374 -24.82 30.27 -48.17
N CYS D 375 -25.49 29.34 -48.85
CA CYS D 375 -25.18 27.93 -48.68
C CYS D 375 -23.92 27.55 -49.44
N SER D 376 -23.18 26.58 -48.89
CA SER D 376 -21.91 26.16 -49.48
C SER D 376 -22.14 25.35 -50.75
N THR D 377 -21.04 25.08 -51.45
CA THR D 377 -21.11 24.32 -52.70
C THR D 377 -20.82 22.84 -52.47
N VAL D 378 -19.87 22.52 -51.58
CA VAL D 378 -19.53 21.13 -51.32
C VAL D 378 -20.74 20.36 -50.80
N LEU D 379 -21.48 20.97 -49.88
CA LEU D 379 -22.72 20.38 -49.41
C LEU D 379 -23.66 21.53 -49.04
N PRO D 380 -24.91 21.51 -49.51
CA PRO D 380 -25.86 22.58 -49.20
C PRO D 380 -26.34 22.45 -47.76
N LEU D 381 -27.30 23.32 -47.41
CA LEU D 381 -27.95 23.36 -46.10
C LEU D 381 -26.97 23.62 -44.96
N TYR D 382 -25.83 24.25 -45.25
CA TYR D 382 -24.85 24.59 -44.23
C TYR D 382 -24.34 26.01 -44.47
N HIS D 383 -24.17 26.76 -43.39
CA HIS D 383 -23.76 28.15 -43.50
C HIS D 383 -22.27 28.25 -43.81
N LYS D 384 -21.91 29.25 -44.62
CA LYS D 384 -20.51 29.44 -44.98
C LYS D 384 -19.70 29.93 -43.78
N HIS D 385 -20.29 30.82 -42.97
CA HIS D 385 -19.59 31.32 -41.79
C HIS D 385 -19.35 30.22 -40.77
N TYR D 386 -20.24 29.22 -40.72
CA TYR D 386 -20.00 28.07 -39.86
C TYR D 386 -18.77 27.30 -40.31
N ILE D 387 -18.63 27.09 -41.62
CA ILE D 387 -17.45 26.42 -42.16
C ILE D 387 -16.19 27.24 -41.86
N LEU D 388 -16.30 28.57 -41.97
CA LEU D 388 -15.15 29.42 -41.67
C LEU D 388 -14.76 29.30 -40.20
N PHE D 389 -15.74 29.26 -39.30
CA PHE D 389 -15.45 29.11 -37.88
C PHE D 389 -14.81 27.76 -37.58
N CYS D 390 -15.28 26.70 -38.25
CA CYS D 390 -14.66 25.40 -38.08
C CYS D 390 -13.21 25.40 -38.55
N THR D 391 -12.95 25.98 -39.73
CA THR D 391 -11.57 26.07 -40.21
C THR D 391 -10.71 26.88 -39.25
N THR D 392 -11.27 27.95 -38.68
CA THR D 392 -10.51 28.78 -37.74
C THR D 392 -10.13 27.99 -36.49
N VAL D 393 -11.11 27.30 -35.89
CA VAL D 393 -10.82 26.56 -34.67
C VAL D 393 -9.85 25.41 -34.95
N PHE D 394 -9.95 24.81 -36.14
CA PHE D 394 -9.00 23.76 -36.51
C PHE D 394 -7.59 24.32 -36.65
N THR D 395 -7.46 25.50 -37.26
CA THR D 395 -6.15 26.11 -37.40
C THR D 395 -5.55 26.45 -36.04
N LEU D 396 -6.37 26.99 -35.13
CA LEU D 396 -5.88 27.25 -33.78
C LEU D 396 -5.41 25.96 -33.10
N LEU D 397 -6.18 24.89 -33.22
CA LEU D 397 -5.78 23.63 -32.59
C LEU D 397 -4.49 23.09 -33.20
N LEU D 398 -4.33 23.19 -34.52
CA LEU D 398 -3.13 22.68 -35.16
C LEU D 398 -1.90 23.48 -34.73
N LEU D 399 -2.00 24.80 -34.72
CA LEU D 399 -0.88 25.62 -34.27
C LEU D 399 -0.56 25.35 -32.80
N SER D 400 -1.58 25.13 -31.97
CA SER D 400 -1.32 24.80 -30.58
C SER D 400 -0.57 23.48 -30.44
N ILE D 401 -0.96 22.48 -31.23
CA ILE D 401 -0.27 21.19 -31.20
C ILE D 401 1.18 21.35 -31.59
N VAL D 402 1.43 22.06 -32.71
CA VAL D 402 2.79 22.25 -33.19
C VAL D 402 3.64 22.98 -32.15
N ILE D 403 3.07 24.03 -31.55
CA ILE D 403 3.81 24.80 -30.54
C ILE D 403 4.13 23.95 -29.33
N LEU D 404 3.17 23.15 -28.87
CA LEU D 404 3.41 22.33 -27.68
C LEU D 404 4.48 21.29 -27.94
N TYR D 405 4.47 20.65 -29.10
CA TYR D 405 5.48 19.63 -29.39
C TYR D 405 6.86 20.25 -29.59
N CYS D 406 6.93 21.40 -30.27
CA CYS D 406 8.21 22.09 -30.38
C CYS D 406 8.75 22.48 -29.01
N ARG D 407 7.88 22.95 -28.12
CA ARG D 407 8.32 23.36 -26.80
C ARG D 407 8.80 22.18 -25.97
N ILE D 408 8.09 21.05 -26.05
CA ILE D 408 8.51 19.88 -25.27
C ILE D 408 9.85 19.35 -25.78
N TYR D 409 10.04 19.35 -27.11
CA TYR D 409 11.34 18.92 -27.64
C TYR D 409 12.45 19.86 -27.21
N SER D 410 12.20 21.18 -27.29
CA SER D 410 13.22 22.14 -26.88
C SER D 410 13.56 21.99 -25.41
N LEU D 411 12.56 21.73 -24.58
CA LEU D 411 12.79 21.56 -23.15
C LEU D 411 13.64 20.33 -22.88
N VAL D 412 13.28 19.19 -23.49
CA VAL D 412 14.06 17.97 -23.29
C VAL D 412 15.48 18.15 -23.79
N ARG D 413 15.65 18.91 -24.89
CA ARG D 413 17.00 19.11 -25.43
C ARG D 413 17.82 20.03 -24.54
N THR D 414 17.21 21.07 -23.98
CA THR D 414 17.98 22.04 -23.20
C THR D 414 18.25 21.53 -21.80
N ARG D 415 17.43 20.60 -21.30
CA ARG D 415 17.68 20.05 -19.97
C ARG D 415 18.73 18.95 -19.96
N SER D 416 19.05 18.39 -21.12
CA SER D 416 20.08 17.36 -21.20
C SER D 416 21.41 17.92 -21.68
N ARG D 417 21.36 19.04 -22.39
CA ARG D 417 22.58 19.66 -22.92
C ARG D 417 23.57 20.24 -21.92
N ARG D 418 23.08 20.96 -20.92
CA ARG D 418 23.99 21.60 -19.96
C ARG D 418 23.87 21.12 -18.53
N LEU D 419 22.69 20.67 -18.13
CA LEU D 419 22.46 20.20 -16.76
C LEU D 419 23.25 18.95 -16.43
N THR D 420 23.41 18.08 -17.42
CA THR D 420 24.14 16.83 -17.29
C THR D 420 25.21 16.95 -18.34
N PHE D 421 26.01 18.00 -18.22
CA PHE D 421 27.06 18.25 -19.18
C PHE D 421 28.12 17.16 -19.30
N ARG D 422 28.76 16.82 -18.20
CA ARG D 422 29.84 15.83 -18.26
C ARG D 422 29.51 14.46 -17.71
N LYS D 423 29.79 13.45 -18.52
CA LYS D 423 29.60 12.06 -18.14
C LYS D 423 30.65 11.22 -18.84
N ASN D 424 30.97 10.07 -18.26
CA ASN D 424 31.96 9.18 -18.88
C ASN D 424 31.28 8.04 -19.63
N ILE D 425 29.95 8.08 -19.69
CA ILE D 425 29.18 7.07 -20.41
C ILE D 425 28.91 7.49 -21.85
N SER D 432 22.00 13.91 -26.37
CA SER D 432 22.67 13.05 -27.31
C SER D 432 21.68 12.12 -28.00
N GLU D 433 21.85 10.82 -27.81
CA GLU D 433 20.97 9.86 -28.44
C GLU D 433 19.52 10.01 -28.00
N LYS D 434 19.29 10.32 -26.73
CA LYS D 434 17.92 10.49 -26.27
C LYS D 434 17.27 11.63 -27.02
N SER D 435 17.98 12.74 -27.15
CA SER D 435 17.43 13.86 -27.86
C SER D 435 17.19 13.49 -29.32
N LEU D 436 18.11 12.77 -29.95
CA LEU D 436 17.87 12.42 -31.34
C LEU D 436 16.66 11.55 -31.49
N ALA D 437 16.46 10.56 -30.63
CA ALA D 437 15.26 9.74 -30.79
C ALA D 437 14.00 10.57 -30.57
N LEU D 438 14.07 11.53 -29.67
CA LEU D 438 12.91 12.36 -29.41
C LEU D 438 12.58 13.12 -30.68
N LEU D 439 13.58 13.68 -31.33
CA LEU D 439 13.32 14.43 -32.56
C LEU D 439 12.74 13.60 -33.67
N LYS D 440 13.14 12.34 -33.80
CA LYS D 440 12.55 11.48 -34.81
C LYS D 440 11.08 11.25 -34.53
N THR D 441 10.70 11.12 -33.27
CA THR D 441 9.30 10.96 -32.94
C THR D 441 8.55 12.28 -32.94
N VAL D 442 9.23 13.42 -33.03
CA VAL D 442 8.43 14.66 -33.10
C VAL D 442 8.26 15.24 -34.52
N ILE D 443 9.01 14.71 -35.48
CA ILE D 443 8.92 15.01 -36.90
C ILE D 443 7.93 14.05 -37.57
N ILE D 444 8.00 12.76 -37.23
CA ILE D 444 7.10 11.78 -37.82
C ILE D 444 5.65 12.13 -37.53
N VAL D 445 5.32 12.37 -36.25
CA VAL D 445 3.92 12.57 -35.90
C VAL D 445 3.39 13.87 -36.51
N LEU D 446 4.20 14.94 -36.49
CA LEU D 446 3.73 16.20 -37.08
C LEU D 446 3.57 16.08 -38.59
N SER D 447 4.52 15.44 -39.27
CA SER D 447 4.43 15.32 -40.72
C SER D 447 3.26 14.44 -41.13
N VAL D 448 2.91 13.45 -40.31
CA VAL D 448 1.77 12.59 -40.64
C VAL D 448 0.46 13.31 -40.37
N PHE D 449 0.39 14.08 -39.27
CA PHE D 449 -0.87 14.74 -38.93
C PHE D 449 -1.16 15.92 -39.86
N ILE D 450 -0.14 16.75 -40.14
CA ILE D 450 -0.39 17.98 -40.89
C ILE D 450 -0.65 17.67 -42.36
N ALA D 451 0.02 16.66 -42.91
CA ALA D 451 -0.10 16.38 -44.34
C ALA D 451 -1.50 15.90 -44.71
N CYS D 452 -2.13 15.12 -43.84
CA CYS D 452 -3.42 14.54 -44.18
C CYS D 452 -4.55 15.58 -44.09
N TRP D 453 -4.50 16.45 -43.09
CA TRP D 453 -5.56 17.43 -42.88
C TRP D 453 -5.37 18.70 -43.70
N ALA D 454 -4.35 18.75 -44.57
CA ALA D 454 -4.17 19.95 -45.39
C ALA D 454 -5.13 20.00 -46.58
N PRO D 455 -5.34 18.92 -47.34
CA PRO D 455 -6.28 19.02 -48.48
C PRO D 455 -7.70 19.38 -48.05
N LEU D 456 -8.19 18.79 -46.96
CA LEU D 456 -9.54 19.11 -46.51
C LEU D 456 -9.66 20.58 -46.10
N PHE D 457 -8.65 21.10 -45.39
CA PHE D 457 -8.68 22.49 -44.96
C PHE D 457 -8.64 23.43 -46.16
N ILE D 458 -7.77 23.16 -47.13
CA ILE D 458 -7.67 24.04 -48.30
C ILE D 458 -8.94 23.94 -49.13
N LEU D 459 -9.56 22.76 -49.18
CA LEU D 459 -10.82 22.63 -49.89
C LEU D 459 -11.93 23.44 -49.22
N LEU D 460 -11.98 23.40 -47.88
CA LEU D 460 -13.00 24.17 -47.17
C LEU D 460 -12.81 25.66 -47.39
N LEU D 461 -11.57 26.16 -47.28
CA LEU D 461 -11.34 27.57 -47.51
C LEU D 461 -11.64 27.94 -48.97
N LEU D 462 -11.39 27.02 -49.90
CA LEU D 462 -11.67 27.29 -51.30
C LEU D 462 -13.16 27.42 -51.55
N ASP D 463 -13.96 26.47 -51.05
CA ASP D 463 -15.40 26.54 -51.27
C ASP D 463 -16.00 27.72 -50.52
N VAL D 464 -15.39 28.14 -49.42
CA VAL D 464 -15.80 29.39 -48.77
C VAL D 464 -15.51 30.57 -49.69
N GLY D 465 -14.37 30.53 -50.38
CA GLY D 465 -13.99 31.64 -51.22
C GLY D 465 -14.58 31.58 -52.61
N CYS D 466 -14.64 30.38 -53.20
CA CYS D 466 -15.08 30.25 -54.58
C CYS D 466 -16.58 30.51 -54.70
N LYS D 467 -16.98 31.12 -55.81
CA LYS D 467 -18.39 31.40 -56.06
C LYS D 467 -19.12 30.13 -56.47
N VAL D 468 -20.45 30.24 -56.59
CA VAL D 468 -21.26 29.07 -56.89
C VAL D 468 -21.06 28.63 -58.33
N LYS D 469 -21.21 27.33 -58.57
CA LYS D 469 -21.28 26.66 -59.87
C LYS D 469 -20.15 27.06 -60.82
N THR D 470 -19.01 27.54 -60.30
CA THR D 470 -17.88 27.91 -61.14
C THR D 470 -16.61 27.15 -60.81
N CYS D 471 -16.60 26.35 -59.74
CA CYS D 471 -15.45 25.54 -59.36
C CYS D 471 -15.79 24.08 -59.66
N ASP D 472 -15.04 23.48 -60.59
CA ASP D 472 -15.35 22.12 -61.02
C ASP D 472 -14.83 21.08 -60.03
N ILE D 473 -13.69 21.37 -59.38
CA ILE D 473 -13.08 20.37 -58.51
C ILE D 473 -13.85 20.26 -57.19
N LEU D 474 -14.70 21.24 -56.90
CA LEU D 474 -15.45 21.22 -55.65
C LEU D 474 -16.44 20.07 -55.60
N PHE D 475 -16.88 19.59 -56.77
CA PHE D 475 -17.85 18.50 -56.80
C PHE D 475 -17.21 17.19 -56.36
N ARG D 476 -15.97 16.94 -56.73
CA ARG D 476 -15.24 15.72 -56.35
C ARG D 476 -14.47 15.99 -55.05
N ALA D 477 -15.22 15.98 -53.95
CA ALA D 477 -14.68 16.34 -52.65
C ALA D 477 -14.67 15.17 -51.66
N GLU D 478 -14.86 13.94 -52.14
CA GLU D 478 -14.94 12.80 -51.23
C GLU D 478 -13.58 12.22 -50.91
N TYR D 479 -12.62 12.37 -51.82
CA TYR D 479 -11.30 11.77 -51.61
C TYR D 479 -10.56 12.45 -50.45
N PHE D 480 -10.69 13.77 -50.34
CA PHE D 480 -10.01 14.49 -49.27
C PHE D 480 -10.49 14.03 -47.90
N LEU D 481 -11.79 13.84 -47.73
CA LEU D 481 -12.31 13.40 -46.44
C LEU D 481 -11.91 11.95 -46.14
N VAL D 482 -11.86 11.10 -47.17
CA VAL D 482 -11.54 9.70 -46.90
C VAL D 482 -10.06 9.56 -46.54
N LEU D 483 -9.20 10.39 -47.12
CA LEU D 483 -7.81 10.37 -46.68
C LEU D 483 -7.67 11.01 -45.29
N ALA D 484 -8.47 12.03 -45.00
CA ALA D 484 -8.45 12.63 -43.67
C ALA D 484 -8.90 11.64 -42.60
N VAL D 485 -9.84 10.75 -42.94
CA VAL D 485 -10.29 9.76 -41.96
C VAL D 485 -9.35 8.55 -41.94
N LEU D 486 -8.64 8.30 -43.04
CA LEU D 486 -7.57 7.31 -43.01
C LEU D 486 -6.44 7.77 -42.08
N ASN D 487 -6.27 9.09 -41.96
CA ASN D 487 -5.38 9.61 -40.93
C ASN D 487 -5.81 9.17 -39.53
N SER D 488 -7.12 9.15 -39.25
CA SER D 488 -7.59 8.73 -37.94
C SER D 488 -7.31 7.25 -37.70
N GLY D 489 -7.23 6.46 -38.78
CA GLY D 489 -6.90 5.05 -38.63
C GLY D 489 -5.41 4.79 -38.53
N THR D 490 -4.60 5.66 -39.13
CA THR D 490 -3.15 5.48 -39.04
C THR D 490 -2.56 6.14 -37.80
N ASN D 491 -3.30 7.01 -37.13
CA ASN D 491 -2.82 7.58 -35.88
C ASN D 491 -2.51 6.54 -34.81
N PRO D 492 -3.35 5.54 -34.54
CA PRO D 492 -2.98 4.55 -33.52
C PRO D 492 -1.74 3.74 -33.88
N ILE D 493 -1.52 3.50 -35.17
CA ILE D 493 -0.29 2.82 -35.59
C ILE D 493 0.93 3.58 -35.10
N ILE D 494 0.95 4.89 -35.33
CA ILE D 494 2.08 5.71 -34.87
C ILE D 494 2.14 5.72 -33.35
N TYR D 495 1.00 5.95 -32.70
CA TYR D 495 1.00 6.11 -31.25
C TYR D 495 1.35 4.82 -30.53
N THR D 496 1.25 3.68 -31.24
CA THR D 496 1.55 2.39 -30.60
C THR D 496 2.95 1.90 -30.95
N LEU D 497 3.40 2.13 -32.18
CA LEU D 497 4.65 1.54 -32.65
C LEU D 497 5.88 2.38 -32.32
N THR D 498 5.75 3.43 -31.52
CA THR D 498 6.93 4.19 -31.08
C THR D 498 7.45 3.74 -29.72
N ASN D 499 6.58 3.26 -28.85
CA ASN D 499 6.99 2.74 -27.55
C ASN D 499 7.09 1.23 -27.62
N LYS D 500 8.22 0.68 -27.19
CA LYS D 500 8.47 -0.74 -27.36
C LYS D 500 7.65 -1.58 -26.39
N GLU D 501 7.25 -0.99 -25.25
CA GLU D 501 6.52 -1.77 -24.25
C GLU D 501 5.14 -2.16 -24.77
N MET D 502 4.38 -1.21 -25.30
CA MET D 502 3.10 -1.53 -25.91
C MET D 502 3.28 -2.44 -27.12
N ARG D 503 4.39 -2.28 -27.84
CA ARG D 503 4.68 -3.16 -28.97
C ARG D 503 4.89 -4.60 -28.50
N ARG D 504 5.64 -4.78 -27.42
CA ARG D 504 5.84 -6.12 -26.87
C ARG D 504 4.53 -6.70 -26.35
N ALA D 505 3.70 -5.86 -25.73
CA ALA D 505 2.41 -6.34 -25.24
C ALA D 505 1.50 -6.76 -26.38
N PHE D 506 1.57 -6.06 -27.51
CA PHE D 506 0.75 -6.41 -28.67
C PHE D 506 1.26 -7.69 -29.33
N ILE D 507 2.59 -7.84 -29.40
CA ILE D 507 3.16 -9.06 -29.97
C ILE D 507 2.84 -10.26 -29.09
N ARG D 508 2.79 -10.06 -27.77
CA ARG D 508 2.53 -11.16 -26.86
C ARG D 508 1.14 -11.75 -27.08
N ILE D 509 0.16 -10.90 -27.39
CA ILE D 509 -1.20 -11.36 -27.64
C ILE D 509 -1.23 -12.21 -28.91
N VAL E 2 -1.91 14.66 32.61
CA VAL E 2 -3.16 15.19 32.06
C VAL E 2 -3.71 16.27 32.98
N GLN E 3 -3.99 17.45 32.42
CA GLN E 3 -4.50 18.56 33.21
C GLN E 3 -5.30 19.49 32.29
N LEU E 4 -6.46 19.93 32.79
CA LEU E 4 -7.33 20.88 32.08
C LEU E 4 -7.74 21.95 33.07
N VAL E 5 -7.31 23.19 32.83
CA VAL E 5 -7.64 24.30 33.72
C VAL E 5 -8.41 25.36 32.94
N GLU E 6 -9.50 25.84 33.52
CA GLU E 6 -10.41 26.76 32.85
C GLU E 6 -10.42 28.11 33.56
N SER E 7 -10.81 29.15 32.82
CA SER E 7 -10.85 30.50 33.35
C SER E 7 -11.83 31.32 32.53
N GLY E 8 -12.21 32.47 33.08
CA GLY E 8 -13.12 33.37 32.41
C GLY E 8 -14.52 33.40 32.99
N GLY E 9 -14.62 33.33 34.31
CA GLY E 9 -15.90 33.34 34.98
C GLY E 9 -15.93 34.35 36.10
N GLY E 10 -17.14 34.84 36.38
CA GLY E 10 -17.32 35.81 37.44
C GLY E 10 -18.73 36.37 37.49
N LEU E 11 -18.85 37.67 37.76
CA LEU E 11 -20.13 38.36 37.84
C LEU E 11 -20.36 39.14 36.55
N VAL E 12 -21.42 38.80 35.83
CA VAL E 12 -21.70 39.38 34.52
C VAL E 12 -23.16 39.81 34.46
N GLN E 13 -23.39 41.02 33.90
CA GLN E 13 -24.73 41.55 33.69
C GLN E 13 -25.26 41.15 32.32
N PRO E 14 -26.59 40.99 32.18
CA PRO E 14 -27.14 40.56 30.90
C PRO E 14 -26.92 41.59 29.80
N GLY E 15 -26.87 41.10 28.57
CA GLY E 15 -26.64 41.95 27.41
C GLY E 15 -25.33 41.65 26.73
N GLY E 16 -24.28 41.42 27.53
CA GLY E 16 -22.99 41.04 27.01
C GLY E 16 -22.27 40.15 28.00
N SER E 17 -21.33 39.36 27.49
CA SER E 17 -20.62 38.42 28.33
C SER E 17 -19.21 38.19 27.79
N ARG E 18 -18.39 37.57 28.62
CA ARG E 18 -16.98 37.33 28.30
C ARG E 18 -16.81 35.97 27.64
N LYS E 19 -15.57 35.51 27.52
CA LYS E 19 -15.23 34.26 26.88
C LYS E 19 -14.57 33.32 27.88
N LEU E 20 -14.96 32.05 27.84
CA LEU E 20 -14.39 31.03 28.71
C LEU E 20 -13.26 30.33 27.98
N SER E 21 -12.09 30.27 28.59
CA SER E 21 -10.90 29.69 27.99
C SER E 21 -10.40 28.54 28.83
N CYS E 22 -10.24 27.38 28.20
CA CYS E 22 -9.72 26.18 28.85
C CYS E 22 -8.40 25.77 28.20
N SER E 23 -7.38 25.59 29.02
CA SER E 23 -6.07 25.19 28.55
C SER E 23 -5.75 23.78 29.03
N ALA E 24 -5.21 22.97 28.12
CA ALA E 24 -4.89 21.58 28.37
C ALA E 24 -3.38 21.39 28.36
N SER E 25 -2.90 20.46 29.20
CA SER E 25 -1.47 20.16 29.27
C SER E 25 -1.31 18.75 29.82
N GLY E 26 -0.73 17.87 29.02
CA GLY E 26 -0.45 16.52 29.48
C GLY E 26 -0.86 15.42 28.52
N PHE E 27 -1.45 15.78 27.38
CA PHE E 27 -1.89 14.80 26.41
C PHE E 27 -1.90 15.42 25.02
N ALA E 28 -2.28 14.62 24.03
CA ALA E 28 -2.35 15.07 22.64
C ALA E 28 -3.70 15.73 22.41
N PHE E 29 -3.72 17.06 22.53
CA PHE E 29 -4.97 17.80 22.39
C PHE E 29 -5.44 17.84 20.94
N SER E 30 -4.53 17.63 19.98
CA SER E 30 -4.90 17.77 18.58
C SER E 30 -5.74 16.60 18.07
N SER E 31 -5.87 15.52 18.84
CA SER E 31 -6.60 14.34 18.39
C SER E 31 -7.75 13.98 19.30
N PHE E 32 -8.23 14.93 20.12
CA PHE E 32 -9.31 14.69 21.06
C PHE E 32 -10.48 15.63 20.77
N GLY E 33 -11.69 15.07 20.73
CA GLY E 33 -12.87 15.91 20.68
C GLY E 33 -13.20 16.49 22.03
N MET E 34 -13.86 17.65 22.03
CA MET E 34 -14.11 18.38 23.26
C MET E 34 -15.60 18.60 23.45
N HIS E 35 -16.02 18.56 24.71
CA HIS E 35 -17.40 18.80 25.11
C HIS E 35 -17.43 19.86 26.21
N TRP E 36 -18.48 20.67 26.21
CA TRP E 36 -18.74 21.61 27.29
C TRP E 36 -19.99 21.15 28.03
N VAL E 37 -19.90 21.07 29.36
CA VAL E 37 -20.99 20.57 30.18
C VAL E 37 -21.33 21.61 31.24
N ARG E 38 -22.60 21.99 31.31
CA ARG E 38 -23.08 22.94 32.30
C ARG E 38 -23.49 22.20 33.57
N GLN E 39 -23.50 22.91 34.69
CA GLN E 39 -23.88 22.31 35.97
C GLN E 39 -24.56 23.39 36.81
N ALA E 40 -25.89 23.41 36.78
CA ALA E 40 -26.64 24.38 37.55
C ALA E 40 -26.43 24.15 39.04
N PRO E 41 -26.49 25.20 39.86
CA PRO E 41 -26.28 25.03 41.30
C PRO E 41 -27.39 24.19 41.92
N GLU E 42 -26.98 23.26 42.79
CA GLU E 42 -27.85 22.27 43.44
C GLU E 42 -28.95 21.77 42.50
N LYS E 43 -28.54 21.43 41.28
CA LYS E 43 -29.44 20.91 40.27
C LYS E 43 -28.69 19.86 39.44
N GLY E 44 -29.28 19.47 38.32
CA GLY E 44 -28.64 18.51 37.44
C GLY E 44 -27.80 19.17 36.36
N LEU E 45 -26.82 18.43 35.88
CA LEU E 45 -25.89 18.91 34.86
C LEU E 45 -26.38 18.50 33.48
N GLU E 46 -26.16 19.37 32.50
CA GLU E 46 -26.68 19.16 31.15
C GLU E 46 -25.61 19.49 30.12
N TRP E 47 -25.80 18.95 28.92
CA TRP E 47 -24.86 19.14 27.83
C TRP E 47 -25.03 20.53 27.21
N VAL E 48 -23.94 21.05 26.65
CA VAL E 48 -23.96 22.40 26.08
C VAL E 48 -23.54 22.36 24.60
N ALA E 49 -22.32 21.92 24.33
CA ALA E 49 -21.81 21.95 22.96
C ALA E 49 -20.68 20.94 22.82
N TYR E 50 -20.36 20.61 21.58
CA TYR E 50 -19.31 19.64 21.28
C TYR E 50 -18.62 20.04 19.99
N ILE E 51 -17.30 19.87 19.96
CA ILE E 51 -16.49 20.11 18.77
C ILE E 51 -15.61 18.89 18.52
N SER E 52 -15.51 18.50 17.26
CA SER E 52 -14.77 17.30 16.89
C SER E 52 -13.29 17.60 16.72
N SER E 53 -12.51 16.54 16.51
CA SER E 53 -11.08 16.68 16.28
C SER E 53 -10.83 17.38 14.94
N GLY E 54 -10.02 18.43 14.97
CA GLY E 54 -9.75 19.20 13.78
C GLY E 54 -10.82 20.22 13.40
N SER E 55 -11.76 20.49 14.29
CA SER E 55 -12.84 21.45 14.05
C SER E 55 -13.67 21.07 12.83
N GLY E 56 -13.80 19.77 12.56
CA GLY E 56 -14.54 19.34 11.39
C GLY E 56 -16.04 19.44 11.59
N THR E 57 -16.54 18.95 12.72
CA THR E 57 -17.97 18.92 12.99
C THR E 57 -18.24 19.55 14.36
N ILE E 58 -19.25 20.41 14.42
CA ILE E 58 -19.61 21.14 15.63
C ILE E 58 -21.10 20.95 15.88
N TYR E 59 -21.46 20.71 17.14
CA TYR E 59 -22.85 20.56 17.55
C TYR E 59 -23.14 21.46 18.74
N TYR E 60 -24.31 22.07 18.74
CA TYR E 60 -24.78 22.89 19.85
C TYR E 60 -26.09 22.34 20.38
N ALA E 61 -26.41 22.71 21.62
CA ALA E 61 -27.71 22.37 22.18
C ALA E 61 -28.78 23.32 21.64
N ASP E 62 -29.99 22.79 21.46
CA ASP E 62 -31.07 23.60 20.91
C ASP E 62 -31.50 24.72 21.86
N THR E 63 -31.12 24.65 23.13
CA THR E 63 -31.44 25.72 24.07
C THR E 63 -30.57 26.95 23.82
N VAL E 64 -29.34 26.75 23.33
CA VAL E 64 -28.42 27.86 23.08
C VAL E 64 -27.95 27.82 21.63
N LYS E 65 -28.74 27.15 20.78
CA LYS E 65 -28.39 27.05 19.36
C LYS E 65 -28.36 28.43 18.72
N GLY E 66 -27.28 28.71 17.99
CA GLY E 66 -27.11 30.00 17.35
C GLY E 66 -26.74 31.13 18.28
N ARG E 67 -26.55 30.88 19.57
CA ARG E 67 -26.16 31.90 20.53
C ARG E 67 -24.76 31.74 21.07
N PHE E 68 -24.27 30.51 21.21
CA PHE E 68 -22.93 30.24 21.70
C PHE E 68 -22.02 29.84 20.53
N THR E 69 -20.72 30.04 20.71
CA THR E 69 -19.73 29.68 19.72
C THR E 69 -18.57 28.95 20.38
N ILE E 70 -18.06 27.93 19.70
CA ILE E 70 -16.94 27.14 20.21
C ILE E 70 -15.79 27.24 19.22
N SER E 71 -14.56 27.16 19.73
CA SER E 71 -13.39 27.24 18.88
C SER E 71 -12.21 26.54 19.55
N ARG E 72 -11.28 26.07 18.74
CA ARG E 72 -10.07 25.41 19.21
C ARG E 72 -8.84 26.20 18.78
N ASP E 73 -7.70 25.83 19.39
CA ASP E 73 -6.41 26.36 18.97
C ASP E 73 -5.38 25.26 19.27
N ASP E 74 -4.97 24.54 18.23
CA ASP E 74 -4.02 23.44 18.42
C ASP E 74 -2.59 23.92 18.72
N PRO E 75 -2.06 24.98 18.09
CA PRO E 75 -0.69 25.40 18.43
C PRO E 75 -0.46 25.67 19.90
N LYS E 76 -1.45 26.20 20.61
CA LYS E 76 -1.33 26.41 22.05
C LYS E 76 -2.21 25.46 22.87
N ASN E 77 -2.95 24.57 22.21
CA ASN E 77 -3.79 23.58 22.87
C ASN E 77 -4.78 24.24 23.83
N THR E 78 -5.64 25.08 23.26
CA THR E 78 -6.63 25.82 24.03
C THR E 78 -8.00 25.66 23.40
N LEU E 79 -9.04 25.90 24.20
CA LEU E 79 -10.42 25.83 23.76
C LEU E 79 -11.15 27.08 24.25
N PHE E 80 -11.93 27.70 23.37
CA PHE E 80 -12.63 28.93 23.68
C PHE E 80 -14.13 28.76 23.47
N LEU E 81 -14.90 29.30 24.41
CA LEU E 81 -16.36 29.35 24.31
C LEU E 81 -16.79 30.81 24.45
N GLN E 82 -17.49 31.31 23.42
CA GLN E 82 -17.90 32.70 23.36
C GLN E 82 -19.42 32.80 23.44
N MET E 83 -19.91 33.63 24.35
CA MET E 83 -21.34 33.84 24.54
C MET E 83 -21.68 35.27 24.18
N THR E 84 -22.62 35.44 23.24
CA THR E 84 -22.99 36.78 22.80
C THR E 84 -23.80 37.51 23.88
N SER E 85 -24.90 36.90 24.33
CA SER E 85 -25.75 37.50 25.35
C SER E 85 -26.30 36.39 26.24
N LEU E 86 -26.26 36.62 27.55
CA LEU E 86 -26.69 35.63 28.53
C LEU E 86 -27.91 36.13 29.30
N ARG E 87 -28.83 35.22 29.56
CA ARG E 87 -30.00 35.52 30.37
C ARG E 87 -29.68 35.27 31.85
N SER E 88 -30.70 35.29 32.70
CA SER E 88 -30.52 35.03 34.12
C SER E 88 -30.53 33.55 34.47
N GLU E 89 -30.68 32.67 33.48
CA GLU E 89 -30.76 31.23 33.70
C GLU E 89 -29.48 30.51 33.33
N ASP E 90 -28.38 31.24 33.10
CA ASP E 90 -27.12 30.63 32.70
C ASP E 90 -26.07 30.62 33.81
N THR E 91 -26.42 31.05 35.02
CA THR E 91 -25.50 31.01 36.14
C THR E 91 -25.31 29.57 36.59
N ALA E 92 -24.11 29.03 36.38
CA ALA E 92 -23.85 27.63 36.65
C ALA E 92 -22.35 27.36 36.62
N MET E 93 -22.00 26.10 36.81
CA MET E 93 -20.64 25.63 36.68
C MET E 93 -20.42 25.05 35.28
N TYR E 94 -19.21 25.22 34.77
CA TYR E 94 -18.87 24.79 33.43
C TYR E 94 -17.66 23.87 33.46
N TYR E 95 -17.75 22.76 32.74
CA TYR E 95 -16.67 21.77 32.65
C TYR E 95 -16.32 21.52 31.20
N CYS E 96 -15.04 21.28 30.93
CA CYS E 96 -14.54 21.00 29.60
C CYS E 96 -13.98 19.59 29.57
N VAL E 97 -14.69 18.68 28.93
CA VAL E 97 -14.38 17.25 28.97
C VAL E 97 -13.79 16.84 27.63
N ARG E 98 -12.83 15.92 27.67
CA ARG E 98 -12.23 15.37 26.46
C ARG E 98 -12.80 13.98 26.16
N SER E 99 -12.83 13.64 24.88
CA SER E 99 -13.34 12.33 24.47
C SER E 99 -12.80 12.00 23.09
N ILE E 100 -12.35 10.76 22.92
CA ILE E 100 -11.86 10.27 21.65
C ILE E 100 -12.70 9.06 21.25
N TYR E 101 -13.04 8.96 19.98
CA TYR E 101 -13.98 7.95 19.49
C TYR E 101 -13.27 7.04 18.50
N TYR E 102 -13.01 5.80 18.93
CA TYR E 102 -12.56 4.73 18.05
C TYR E 102 -12.96 3.41 18.69
N TYR E 103 -12.74 2.32 17.97
CA TYR E 103 -13.17 1.01 18.44
C TYR E 103 -12.45 0.64 19.73
N GLY E 104 -13.19 0.55 20.83
CA GLY E 104 -12.62 0.20 22.12
C GLY E 104 -12.23 1.37 22.99
N SER E 105 -12.59 2.59 22.61
CA SER E 105 -12.22 3.76 23.39
C SER E 105 -13.24 4.02 24.50
N SER E 106 -12.86 4.88 25.44
CA SER E 106 -13.71 5.26 26.56
C SER E 106 -13.89 6.76 26.58
N PRO E 107 -14.93 7.30 25.95
CA PRO E 107 -15.14 8.75 25.95
C PRO E 107 -15.48 9.25 27.35
N PHE E 108 -15.34 10.57 27.53
CA PHE E 108 -15.61 11.24 28.79
C PHE E 108 -14.76 10.64 29.91
N ASP E 109 -13.45 10.62 29.69
CA ASP E 109 -12.55 9.97 30.64
C ASP E 109 -12.03 10.96 31.68
N PHE E 110 -11.57 12.13 31.25
CA PHE E 110 -11.06 13.15 32.15
C PHE E 110 -11.93 14.39 32.06
N TRP E 111 -12.62 14.72 33.14
CA TRP E 111 -13.55 15.84 33.13
C TRP E 111 -12.84 17.17 33.35
N GLY E 112 -12.16 17.32 34.47
CA GLY E 112 -11.46 18.57 34.76
C GLY E 112 -11.85 19.16 36.10
N GLN E 113 -11.87 20.49 36.20
CA GLN E 113 -12.25 21.16 37.43
C GLN E 113 -13.45 22.07 37.26
N GLY E 114 -13.51 22.83 36.17
CA GLY E 114 -14.66 23.66 35.90
C GLY E 114 -14.51 25.05 36.49
N THR E 115 -15.28 25.98 35.94
CA THR E 115 -15.31 27.36 36.42
C THR E 115 -16.75 27.81 36.61
N THR E 116 -16.97 28.69 37.58
CA THR E 116 -18.29 29.17 37.90
C THR E 116 -18.62 30.42 37.08
N LEU E 117 -19.92 30.66 36.89
CA LEU E 117 -20.38 31.85 36.17
C LEU E 117 -21.70 32.28 36.79
N THR E 118 -21.76 33.52 37.25
CA THR E 118 -22.94 34.06 37.90
C THR E 118 -23.44 35.27 37.14
N VAL E 119 -24.73 35.29 36.81
CA VAL E 119 -25.36 36.38 36.09
C VAL E 119 -26.28 37.11 37.06
N SER E 120 -26.09 38.43 37.18
CA SER E 120 -26.89 39.23 38.08
C SER E 120 -28.22 39.60 37.43
N SER E 121 -29.31 39.36 38.14
CA SER E 121 -30.65 39.68 37.64
C SER E 121 -31.25 40.84 38.40
N SER E 136 -39.28 13.31 20.16
CA SER E 136 -38.30 14.36 20.40
C SER E 136 -37.02 13.80 21.03
N ASP E 137 -36.45 14.54 21.97
CA ASP E 137 -35.24 14.10 22.64
C ASP E 137 -35.54 13.01 23.65
N ILE E 138 -34.55 12.14 23.89
CA ILE E 138 -34.72 11.06 24.85
C ILE E 138 -34.85 11.64 26.25
N VAL E 139 -35.80 11.12 27.01
CA VAL E 139 -36.03 11.57 28.38
C VAL E 139 -35.50 10.51 29.33
N MET E 140 -34.49 10.87 30.12
CA MET E 140 -33.90 9.99 31.12
C MET E 140 -34.42 10.38 32.50
N THR E 141 -35.00 9.40 33.21
CA THR E 141 -35.58 9.62 34.51
C THR E 141 -34.92 8.70 35.52
N GLN E 142 -34.45 9.28 36.63
CA GLN E 142 -33.84 8.50 37.70
C GLN E 142 -34.94 7.92 38.60
N ALA E 143 -34.67 6.74 39.17
CA ALA E 143 -35.68 6.08 39.98
C ALA E 143 -35.93 6.81 41.28
N THR E 144 -34.88 7.04 42.07
CA THR E 144 -35.01 7.65 43.39
C THR E 144 -34.03 8.82 43.48
N SER E 145 -34.49 9.89 44.14
CA SER E 145 -33.67 11.09 44.27
C SER E 145 -32.58 10.91 45.30
N SER E 146 -32.87 10.22 46.40
CA SER E 146 -31.90 10.05 47.47
C SER E 146 -32.18 8.73 48.18
N VAL E 147 -31.10 8.04 48.56
CA VAL E 147 -31.21 6.75 49.23
C VAL E 147 -30.28 6.73 50.43
N PRO E 148 -30.78 6.46 51.64
CA PRO E 148 -29.90 6.34 52.81
C PRO E 148 -29.29 4.95 52.91
N VAL E 149 -27.97 4.88 53.00
CA VAL E 149 -27.24 3.61 52.99
C VAL E 149 -26.08 3.69 53.97
N THR E 150 -25.98 2.71 54.86
CA THR E 150 -24.83 2.58 55.75
C THR E 150 -23.72 1.78 55.05
N PRO E 151 -22.46 2.02 55.41
CA PRO E 151 -21.36 1.30 54.76
C PRO E 151 -21.46 -0.20 54.95
N GLY E 152 -20.97 -0.93 53.96
CA GLY E 152 -21.02 -2.38 53.99
C GLY E 152 -22.32 -2.98 53.50
N GLU E 153 -22.85 -2.47 52.39
CA GLU E 153 -24.11 -2.96 51.85
C GLU E 153 -24.10 -2.85 50.33
N SER E 154 -24.59 -3.89 49.66
CA SER E 154 -24.71 -3.88 48.21
C SER E 154 -25.86 -2.98 47.79
N VAL E 155 -25.57 -1.98 46.95
CA VAL E 155 -26.54 -0.96 46.58
C VAL E 155 -26.77 -1.02 45.08
N SER E 156 -28.03 -0.93 44.66
CA SER E 156 -28.41 -0.96 43.25
C SER E 156 -29.16 0.32 42.91
N ILE E 157 -28.64 1.07 41.94
CA ILE E 157 -29.25 2.29 41.46
C ILE E 157 -29.74 2.07 40.03
N SER E 158 -31.00 2.40 39.77
CA SER E 158 -31.64 2.14 38.49
C SER E 158 -31.89 3.44 37.74
N CYS E 159 -31.69 3.40 36.42
CA CYS E 159 -31.95 4.53 35.55
C CYS E 159 -32.80 4.04 34.38
N ARG E 160 -33.92 4.71 34.14
CA ARG E 160 -34.87 4.32 33.10
C ARG E 160 -34.79 5.30 31.94
N SER E 161 -34.94 4.77 30.72
CA SER E 161 -34.90 5.57 29.51
C SER E 161 -36.27 5.57 28.84
N SER E 162 -36.47 6.52 27.93
CA SER E 162 -37.70 6.64 27.18
C SER E 162 -37.65 5.97 25.82
N LYS E 163 -36.53 5.33 25.48
CA LYS E 163 -36.39 4.65 24.20
C LYS E 163 -35.30 3.60 24.33
N SER E 164 -35.35 2.62 23.44
CA SER E 164 -34.37 1.52 23.45
C SER E 164 -33.03 2.04 22.95
N LEU E 165 -32.03 2.04 23.82
CA LEU E 165 -30.70 2.51 23.46
C LEU E 165 -29.88 1.47 22.72
N LEU E 166 -30.34 0.23 22.66
CA LEU E 166 -29.62 -0.82 21.96
C LEU E 166 -29.68 -0.58 20.45
N HIS E 167 -28.51 -0.53 19.82
CA HIS E 167 -28.39 -0.27 18.40
C HIS E 167 -28.22 -1.58 17.64
N SER E 168 -28.28 -1.47 16.31
CA SER E 168 -28.18 -2.66 15.47
C SER E 168 -26.82 -3.32 15.55
N ASN E 169 -25.79 -2.56 15.91
CA ASN E 169 -24.45 -3.13 16.00
C ASN E 169 -24.35 -4.12 17.16
N GLY E 170 -24.92 -3.78 18.32
CA GLY E 170 -24.99 -4.72 19.42
C GLY E 170 -24.69 -4.18 20.80
N ASN E 171 -24.33 -2.90 20.89
CA ASN E 171 -23.97 -2.29 22.16
C ASN E 171 -24.84 -1.07 22.43
N THR E 172 -25.14 -0.85 23.72
CA THR E 172 -25.90 0.31 24.13
C THR E 172 -24.97 1.50 24.33
N TYR E 173 -25.53 2.64 24.74
CA TYR E 173 -24.78 3.88 24.85
C TYR E 173 -25.17 4.64 26.13
N LEU E 174 -25.23 3.93 27.26
CA LEU E 174 -25.60 4.54 28.53
C LEU E 174 -24.41 4.52 29.48
N TYR E 175 -23.86 5.71 29.73
CA TYR E 175 -22.71 5.90 30.60
C TYR E 175 -23.16 6.29 32.00
N TRP E 176 -22.29 6.01 32.97
CA TRP E 176 -22.53 6.33 34.37
C TRP E 176 -21.41 7.24 34.87
N PHE E 177 -21.77 8.23 35.68
CA PHE E 177 -20.80 9.14 36.29
C PHE E 177 -21.07 9.26 37.77
N LEU E 178 -19.98 9.38 38.55
CA LEU E 178 -20.04 9.55 39.99
C LEU E 178 -19.44 10.90 40.36
N GLN E 179 -20.19 11.70 41.13
CA GLN E 179 -19.74 13.02 41.54
C GLN E 179 -19.71 13.08 43.06
N ARG E 180 -18.52 13.24 43.63
CA ARG E 180 -18.37 13.42 45.06
C ARG E 180 -18.51 14.89 45.42
N PRO E 181 -18.97 15.19 46.64
CA PRO E 181 -19.13 16.60 47.04
C PRO E 181 -17.79 17.30 47.14
N GLY E 182 -17.62 18.37 46.36
CA GLY E 182 -16.44 19.19 46.41
C GLY E 182 -15.50 19.06 45.23
N GLN E 183 -15.81 18.21 44.26
CA GLN E 183 -14.95 18.05 43.08
C GLN E 183 -15.79 17.61 41.90
N SER E 184 -15.16 17.61 40.73
CA SER E 184 -15.86 17.31 39.50
C SER E 184 -16.15 15.81 39.40
N PRO E 185 -17.15 15.41 38.61
CA PRO E 185 -17.48 14.00 38.49
C PRO E 185 -16.42 13.22 37.74
N GLN E 186 -16.58 11.89 37.77
CA GLN E 186 -15.65 10.98 37.11
C GLN E 186 -16.44 9.83 36.49
N LEU E 187 -15.84 9.20 35.50
CA LEU E 187 -16.47 8.09 34.79
C LEU E 187 -16.32 6.80 35.59
N LEU E 188 -17.38 5.98 35.56
CA LEU E 188 -17.37 4.67 36.22
C LEU E 188 -17.38 3.53 35.21
N ILE E 189 -18.43 3.47 34.39
CA ILE E 189 -18.57 2.39 33.42
C ILE E 189 -19.05 2.85 32.06
N TYR E 190 -18.17 2.88 31.06
CA TYR E 190 -18.56 3.30 29.72
C TYR E 190 -19.42 2.29 29.02
N ARG E 191 -20.20 2.74 28.05
CA ARG E 191 -21.13 1.91 27.30
C ARG E 191 -22.06 1.26 28.30
N MET E 192 -22.23 -0.05 28.27
CA MET E 192 -23.16 -0.60 29.26
C MET E 192 -22.59 -1.29 30.49
N SER E 193 -21.49 -2.02 30.37
CA SER E 193 -21.02 -2.69 31.58
C SER E 193 -19.51 -2.70 31.73
N ASN E 194 -18.76 -2.38 30.68
CA ASN E 194 -17.31 -2.41 30.76
C ASN E 194 -16.81 -1.38 31.76
N LEU E 195 -15.90 -1.81 32.63
CA LEU E 195 -15.39 -0.99 33.72
C LEU E 195 -14.26 -0.10 33.21
N ALA E 196 -14.25 1.15 33.66
CA ALA E 196 -13.21 2.09 33.26
C ALA E 196 -11.90 1.78 33.97
N SER E 197 -10.84 2.44 33.52
CA SER E 197 -9.52 2.28 34.09
C SER E 197 -9.37 3.16 35.32
N GLY E 198 -8.82 2.59 36.39
CA GLY E 198 -8.65 3.28 37.65
C GLY E 198 -9.79 3.09 38.63
N VAL E 199 -10.95 2.64 38.15
CA VAL E 199 -12.11 2.39 38.99
C VAL E 199 -11.99 0.99 39.57
N PRO E 200 -12.22 0.80 40.87
CA PRO E 200 -12.14 -0.55 41.45
C PRO E 200 -13.21 -1.48 40.86
N ASP E 201 -12.97 -2.77 41.04
CA ASP E 201 -13.83 -3.80 40.47
C ASP E 201 -15.11 -4.03 41.27
N ARG E 202 -15.40 -3.19 42.26
CA ARG E 202 -16.62 -3.37 43.04
C ARG E 202 -17.84 -2.94 42.25
N PHE E 203 -17.69 -1.95 41.38
CA PHE E 203 -18.82 -1.45 40.59
C PHE E 203 -19.12 -2.42 39.45
N SER E 204 -20.41 -2.60 39.18
CA SER E 204 -20.86 -3.41 38.05
C SER E 204 -22.11 -2.78 37.46
N GLY E 205 -22.36 -3.07 36.20
CA GLY E 205 -23.50 -2.52 35.50
C GLY E 205 -24.19 -3.56 34.65
N SER E 206 -25.49 -3.37 34.46
CA SER E 206 -26.28 -4.30 33.64
C SER E 206 -27.51 -3.56 33.14
N GLY E 207 -28.26 -4.22 32.27
CA GLY E 207 -29.47 -3.62 31.73
C GLY E 207 -30.15 -4.55 30.76
N SER E 208 -31.23 -4.06 30.17
CA SER E 208 -32.01 -4.85 29.22
C SER E 208 -32.19 -4.09 27.91
N GLY E 209 -32.22 -2.77 27.97
CA GLY E 209 -32.38 -1.94 26.79
C GLY E 209 -33.22 -0.71 27.04
N THR E 210 -34.04 -0.74 28.07
CA THR E 210 -34.83 0.41 28.49
C THR E 210 -34.50 0.87 29.91
N ALA E 211 -34.43 -0.07 30.85
CA ALA E 211 -34.08 0.23 32.24
C ALA E 211 -32.78 -0.46 32.58
N PHE E 212 -31.82 0.29 33.12
CA PHE E 212 -30.49 -0.24 33.42
C PHE E 212 -30.21 -0.05 34.91
N THR E 213 -29.26 -0.83 35.42
CA THR E 213 -28.93 -0.82 36.84
C THR E 213 -27.42 -0.83 37.03
N LEU E 214 -27.00 -0.24 38.15
CA LEU E 214 -25.61 -0.24 38.59
C LEU E 214 -25.56 -0.75 40.02
N THR E 215 -24.75 -1.79 40.25
CA THR E 215 -24.67 -2.46 41.54
C THR E 215 -23.28 -2.31 42.13
N ILE E 216 -23.24 -2.07 43.44
CA ILE E 216 -22.01 -1.98 44.22
C ILE E 216 -22.05 -3.03 45.30
N SER E 217 -20.98 -3.83 45.41
CA SER E 217 -20.96 -4.94 46.34
C SER E 217 -20.79 -4.47 47.78
N ARG E 218 -19.67 -3.81 48.07
CA ARG E 218 -19.41 -3.23 49.38
C ARG E 218 -19.13 -1.74 49.21
N LEU E 219 -19.75 -0.94 50.07
CA LEU E 219 -19.68 0.52 49.97
C LEU E 219 -18.75 1.05 51.05
N GLU E 220 -17.88 1.98 50.67
CA GLU E 220 -16.87 2.54 51.55
C GLU E 220 -17.23 3.98 51.90
N ALA E 221 -16.40 4.59 52.75
CA ALA E 221 -16.57 6.00 53.10
C ALA E 221 -16.05 6.93 52.00
N GLU E 222 -15.24 6.42 51.08
CA GLU E 222 -14.71 7.20 49.98
C GLU E 222 -15.59 7.13 48.73
N ASP E 223 -16.53 6.20 48.69
CA ASP E 223 -17.43 6.03 47.53
C ASP E 223 -18.83 6.44 47.98
N VAL E 224 -19.11 7.73 47.90
CA VAL E 224 -20.41 8.30 48.27
C VAL E 224 -20.58 9.61 47.53
N GLY E 225 -21.75 9.84 46.94
CA GLY E 225 -22.00 11.05 46.19
C GLY E 225 -23.28 11.01 45.39
N VAL E 226 -23.26 11.60 44.19
CA VAL E 226 -24.41 11.63 43.31
C VAL E 226 -24.07 10.83 42.05
N TYR E 227 -25.02 10.02 41.59
CA TYR E 227 -24.84 9.18 40.42
C TYR E 227 -25.69 9.71 39.27
N TYR E 228 -25.06 9.87 38.11
CA TYR E 228 -25.73 10.36 36.91
C TYR E 228 -25.66 9.31 35.81
N CYS E 229 -26.76 9.16 35.07
CA CYS E 229 -26.81 8.29 33.90
C CYS E 229 -27.03 9.16 32.66
N MET E 230 -26.25 8.90 31.62
CA MET E 230 -26.30 9.66 30.39
C MET E 230 -26.46 8.73 29.21
N GLN E 231 -27.17 9.19 28.18
CA GLN E 231 -27.35 8.44 26.95
C GLN E 231 -26.55 9.11 25.83
N HIS E 232 -26.03 8.29 24.91
CA HIS E 232 -25.27 8.80 23.77
C HIS E 232 -25.79 8.26 22.45
N LEU E 233 -27.05 7.84 22.39
CA LEU E 233 -27.59 7.29 21.14
C LEU E 233 -27.67 8.36 20.06
N GLU E 234 -28.17 9.54 20.40
CA GLU E 234 -28.21 10.67 19.48
C GLU E 234 -27.43 11.84 20.05
N TYR E 235 -26.98 12.71 19.14
CA TYR E 235 -26.11 13.83 19.46
C TYR E 235 -26.74 14.83 20.43
N PRO E 236 -28.07 15.02 20.46
CA PRO E 236 -28.65 15.77 21.57
C PRO E 236 -28.56 15.02 22.89
N LEU E 237 -27.36 15.01 23.48
CA LEU E 237 -27.13 14.27 24.71
C LEU E 237 -27.95 14.85 25.85
N THR E 238 -28.33 13.99 26.80
CA THR E 238 -29.10 14.40 27.96
C THR E 238 -28.71 13.55 29.16
N PHE E 239 -28.71 14.17 30.34
CA PHE E 239 -28.37 13.47 31.57
C PHE E 239 -29.63 13.16 32.37
N GLY E 240 -29.44 12.64 33.59
CA GLY E 240 -30.52 12.33 34.49
C GLY E 240 -30.66 13.37 35.59
N ALA E 241 -31.71 13.18 36.40
CA ALA E 241 -31.97 14.11 37.50
C ALA E 241 -30.91 13.97 38.59
N GLY E 242 -30.38 12.78 38.77
CA GLY E 242 -29.36 12.55 39.78
C GLY E 242 -29.88 11.78 40.99
N THR E 243 -29.13 10.77 41.42
CA THR E 243 -29.48 9.96 42.58
C THR E 243 -28.46 10.22 43.68
N LYS E 244 -28.90 10.91 44.72
CA LYS E 244 -28.01 11.21 45.84
C LYS E 244 -27.84 10.00 46.74
N LEU E 245 -26.59 9.73 47.10
CA LEU E 245 -26.25 8.66 48.04
C LEU E 245 -25.76 9.29 49.33
N GLU E 246 -26.44 8.97 50.44
CA GLU E 246 -26.15 9.56 51.74
C GLU E 246 -25.56 8.51 52.66
N LEU E 247 -24.78 8.95 53.64
CA LEU E 247 -24.15 8.04 54.60
C LEU E 247 -25.20 7.40 55.50
N10 J8C F . -16.97 17.20 -43.15
C12 J8C F . -14.98 17.25 -41.93
C13 J8C F . -14.36 18.15 -40.86
C01 J8C F . -17.31 16.21 -49.27
C02 J8C F . -18.36 15.22 -48.78
C03 J8C F . -18.60 15.39 -47.28
C04 J8C F . -19.69 14.81 -46.67
C05 J8C F . -19.89 14.98 -45.32
C06 J8C F . -19.00 15.73 -44.56
C07 J8C F . -17.91 16.29 -45.19
C08 J8C F . -17.71 16.14 -46.55
C09 J8C F . -16.91 17.14 -44.41
O11 J8C F . -16.02 18.01 -42.49
C14 J8C F . -13.78 19.33 -41.25
C15 J8C F . -13.22 20.17 -40.32
C16 J8C F . -13.23 19.82 -38.98
C17 J8C F . -13.82 18.64 -38.59
C18 J8C F . -14.38 17.80 -39.53
C19 J8C F . -12.63 20.69 -37.88
C20 J8C F . -13.75 21.24 -37.01
C21 J8C F . -13.54 20.90 -35.55
C22 J8C F . -12.14 21.27 -35.11
C23 J8C F . -11.16 20.34 -35.81
C24 J8C F . -11.74 19.75 -37.09
C25 J8C F . -12.59 21.45 -40.84
C29 J8C F . -15.85 17.92 -45.16
C30 J8C F . -20.69 13.99 -47.49
N31 J8C F . -21.84 14.84 -47.74
C32 J8C F . -22.95 14.07 -48.37
C33 J8C F . -22.46 14.53 -49.70
C34 J8C F . -21.65 15.57 -49.03
C35 J8C F . -23.58 15.09 -50.59
O36 J8C F . -23.34 15.32 -51.80
O37 J8C F . -24.71 15.31 -50.12
F26 J8C F . -13.27 21.87 -41.93
F27 J8C F . -12.61 22.43 -39.90
F28 J8C F . -11.31 21.19 -41.22
C1 NAG G . -33.70 23.19 -61.77
C2 NAG G . -35.14 22.79 -62.06
C3 NAG G . -35.59 23.29 -63.42
C4 NAG G . -35.39 24.79 -63.46
C5 NAG G . -33.92 25.11 -63.22
C6 NAG G . -33.73 26.62 -63.18
C7 NAG G . -36.48 20.80 -61.98
C8 NAG G . -36.54 19.37 -61.56
N2 NAG G . -35.28 21.36 -61.95
O3 NAG G . -36.97 22.99 -63.58
O4 NAG G . -35.79 25.32 -64.73
O5 NAG G . -33.48 24.58 -61.97
O6 NAG G . -34.32 27.14 -61.98
O7 NAG G . -37.47 21.43 -62.32
#